data_7OT2
#
_entry.id   7OT2
#
_cell.length_a   72.017
_cell.length_b   92.839
_cell.length_c   87.933
_cell.angle_alpha   90.000
_cell.angle_beta   108.990
_cell.angle_gamma   90.000
#
_symmetry.space_group_name_H-M   'P 1 21 1'
#
loop_
_entity.id
_entity.type
_entity.pdbx_description
1 polymer 'Bifunctional glutamate/proline--tRNA ligase'
2 non-polymer PROLINE
3 non-polymer 3-[[2-(trifluoromethyl)phenyl]methylamino]pyrazine-2-carboxamide
4 non-polymer 'ZINC ION'
5 non-polymer 'STRONTIUM ION'
6 water water
#
_entity_poly.entity_id   1
_entity_poly.type   'polypeptide(L)'
_entity_poly.pdbx_seq_one_letter_code
;GAGEGQGPKKQTRLGLEAKKEENLADWYSQVITKSEMIEYHDISGCYILRPWAYAIWEAIKDFFDAEIKKLGVENCYFPM
FVSQSALEKEKTHVADFAPEVAWVTRSGKTELAEPIAIRPTSETVMYPAYAKWVQSHRDLPIKLNQWCNVVRWEFKHPQP
FLRTREFLWQEGHSAFATMEEAAEEVLQILDLYAQVYEELLAIPVVKGRKTEKEKFAGGDYTTTIEAFISASGRAIQGGT
SHHLGQNFSKMFEIVFEDPKIPGEKQFAYQNSWGLTTRTIGVMTMVHGDNMGLVLPPRVACVQVVIIPCGITNALSEEDK
EALIAKCNDYRRRLLSVNIRVRADLRDNYSPGWKFNHWELKGVPIRLEVGPRDMKSCQFVAVRRDTGEKLTVAENEAETK
LQAILEDIQVTLFTRASEDLKTHMVVANTMEDFQKILDSGKIVQIPFCGEIDCEDWIKKTTARDQDLEPGAPSMGAKSLC
IPFKPLCELQPGAKCVCGKNPAKYYTLFGRSY
;
_entity_poly.pdbx_strand_id   A,B
#
loop_
_chem_comp.id
_chem_comp.type
_chem_comp.name
_chem_comp.formula
1FI non-polymer 3-[[2-(trifluoromethyl)phenyl]methylamino]pyrazine-2-carboxamide 'C13 H11 F3 N4 O'
SR non-polymer 'STRONTIUM ION' 'Sr 2'
ZN non-polymer 'ZINC ION' 'Zn 2'
#
# COMPACT_ATOMS: atom_id res chain seq x y z
N GLY A 15 -23.84 0.93 23.33
CA GLY A 15 -23.44 -0.40 23.75
C GLY A 15 -23.61 -1.41 22.64
N LEU A 16 -23.49 -2.70 22.96
CA LEU A 16 -23.65 -3.78 22.00
C LEU A 16 -24.94 -4.54 22.27
N GLU A 17 -25.68 -4.83 21.21
CA GLU A 17 -26.99 -5.48 21.32
C GLU A 17 -26.92 -7.00 21.19
N ALA A 18 -26.33 -7.49 20.10
CA ALA A 18 -26.26 -8.92 19.85
C ALA A 18 -25.24 -9.59 20.76
N LYS A 19 -25.45 -10.88 21.03
CA LYS A 19 -24.57 -11.68 21.87
C LYS A 19 -23.78 -12.65 21.00
N LYS A 20 -22.48 -12.72 21.25
CA LYS A 20 -21.60 -13.55 20.42
C LYS A 20 -21.98 -15.03 20.47
N GLU A 21 -22.50 -15.50 21.60
CA GLU A 21 -22.80 -16.91 21.74
C GLU A 21 -24.12 -17.31 21.10
N GLU A 22 -25.06 -16.37 20.97
CA GLU A 22 -26.36 -16.64 20.39
C GLU A 22 -26.34 -16.54 18.86
N ASN A 23 -26.33 -15.31 18.33
CA ASN A 23 -26.21 -15.07 16.89
C ASN A 23 -24.85 -14.45 16.62
N LEU A 24 -23.95 -15.23 16.03
CA LEU A 24 -22.62 -14.73 15.72
C LEU A 24 -22.64 -13.68 14.61
N ALA A 25 -23.51 -13.85 13.61
CA ALA A 25 -23.49 -12.97 12.45
C ALA A 25 -23.84 -11.53 12.84
N ASP A 26 -24.93 -11.35 13.58
CA ASP A 26 -25.28 -10.01 14.03
C ASP A 26 -24.20 -9.44 14.94
N TRP A 27 -23.65 -10.28 15.83
CA TRP A 27 -22.56 -9.81 16.69
C TRP A 27 -21.38 -9.31 15.86
N TYR A 28 -21.00 -10.07 14.84
CA TYR A 28 -19.89 -9.63 13.99
C TYR A 28 -20.23 -8.32 13.29
N SER A 29 -21.41 -8.25 12.66
CA SER A 29 -21.79 -7.03 11.94
C SER A 29 -21.82 -5.82 12.86
N GLN A 30 -22.24 -5.98 14.12
CA GLN A 30 -22.29 -4.86 15.06
C GLN A 30 -20.90 -4.47 15.56
N VAL A 31 -20.04 -5.45 15.86
CA VAL A 31 -18.70 -5.11 16.33
C VAL A 31 -17.91 -4.39 15.25
N ILE A 32 -17.96 -4.87 14.01
CA ILE A 32 -17.13 -4.24 12.99
C ILE A 32 -17.64 -2.86 12.62
N THR A 33 -18.93 -2.60 12.82
CA THR A 33 -19.44 -1.25 12.55
C THR A 33 -19.27 -0.33 13.74
N LYS A 34 -19.65 -0.79 14.94
CA LYS A 34 -19.59 0.10 16.10
C LYS A 34 -18.15 0.42 16.51
N SER A 35 -17.20 -0.44 16.16
CA SER A 35 -15.79 -0.12 16.33
C SER A 35 -15.25 0.79 15.24
N GLU A 36 -16.08 1.08 14.23
CA GLU A 36 -15.70 1.99 13.14
C GLU A 36 -14.59 1.37 12.30
N MET A 37 -14.68 0.06 12.09
CA MET A 37 -13.76 -0.67 11.23
C MET A 37 -14.26 -0.78 9.80
N ILE A 38 -15.55 -1.10 9.64
CA ILE A 38 -16.11 -1.47 8.35
C ILE A 38 -17.29 -0.55 8.05
N GLU A 39 -17.32 -0.01 6.85
CA GLU A 39 -18.51 0.63 6.30
C GLU A 39 -18.92 -0.15 5.06
N TYR A 40 -20.23 -0.29 4.86
CA TYR A 40 -20.75 -1.06 3.73
C TYR A 40 -20.76 -0.25 2.44
N HIS A 41 -20.87 -0.96 1.32
CA HIS A 41 -20.80 -0.39 -0.03
C HIS A 41 -21.97 -0.93 -0.84
N ASP A 42 -22.28 -0.25 -1.96
CA ASP A 42 -23.37 -0.68 -2.83
C ASP A 42 -22.97 -1.78 -3.82
N ILE A 43 -21.71 -2.20 -3.82
CA ILE A 43 -21.26 -3.35 -4.60
C ILE A 43 -21.13 -4.52 -3.63
N SER A 44 -21.86 -5.59 -3.91
CA SER A 44 -21.91 -6.73 -3.00
C SER A 44 -20.53 -7.36 -2.82
N GLY A 45 -20.20 -7.64 -1.56
CA GLY A 45 -18.95 -8.28 -1.22
C GLY A 45 -17.76 -7.35 -1.10
N CYS A 46 -17.97 -6.04 -1.28
CA CYS A 46 -16.90 -5.06 -1.12
C CYS A 46 -17.20 -4.17 0.08
N TYR A 47 -16.18 -3.91 0.87
CA TYR A 47 -16.37 -3.25 2.14
C TYR A 47 -15.31 -2.17 2.29
N ILE A 48 -15.72 -1.07 2.93
CA ILE A 48 -14.83 0.04 3.23
C ILE A 48 -14.00 -0.31 4.46
N LEU A 49 -12.68 -0.19 4.33
CA LEU A 49 -11.76 -0.31 5.45
C LEU A 49 -11.53 1.06 6.08
N ARG A 50 -12.28 1.38 7.13
CA ARG A 50 -12.10 2.63 7.85
C ARG A 50 -10.76 2.66 8.58
N PRO A 51 -10.30 3.85 8.99
CA PRO A 51 -8.96 3.96 9.59
C PRO A 51 -8.68 3.01 10.74
N TRP A 52 -9.68 2.73 11.57
CA TRP A 52 -9.45 1.85 12.72
C TRP A 52 -9.04 0.45 12.28
N ALA A 53 -9.70 -0.09 11.25
CA ALA A 53 -9.30 -1.36 10.68
C ALA A 53 -8.01 -1.22 9.86
N TYR A 54 -7.88 -0.14 9.08
CA TYR A 54 -6.70 -0.01 8.23
C TYR A 54 -5.40 0.06 9.05
N ALA A 55 -5.45 0.67 10.24
CA ALA A 55 -4.26 0.75 11.10
C ALA A 55 -3.74 -0.63 11.49
N ILE A 56 -4.65 -1.57 11.72
CA ILE A 56 -4.24 -2.94 11.97
C ILE A 56 -3.44 -3.48 10.79
N TRP A 57 -3.93 -3.25 9.56
CA TRP A 57 -3.25 -3.78 8.38
C TRP A 57 -1.87 -3.16 8.23
N GLU A 58 -1.74 -1.87 8.50
CA GLU A 58 -0.41 -1.25 8.49
C GLU A 58 0.48 -1.77 9.61
N ALA A 59 -0.10 -2.31 10.68
CA ALA A 59 0.76 -2.86 11.71
C ALA A 59 1.30 -4.21 11.28
N ILE A 60 0.43 -5.07 10.76
CA ILE A 60 0.85 -6.32 10.13
C ILE A 60 1.83 -6.05 8.99
N LYS A 61 1.62 -4.96 8.25
CA LYS A 61 2.49 -4.69 7.12
C LYS A 61 3.90 -4.33 7.59
N ASP A 62 4.00 -3.56 8.68
CA ASP A 62 5.31 -3.13 9.17
C ASP A 62 6.14 -4.31 9.65
N PHE A 63 5.51 -5.28 10.32
CA PHE A 63 6.26 -6.40 10.85
C PHE A 63 6.65 -7.38 9.74
N PHE A 64 5.69 -7.74 8.89
CA PHE A 64 5.98 -8.72 7.86
C PHE A 64 6.94 -8.18 6.82
N ASP A 65 6.88 -6.88 6.53
CA ASP A 65 7.81 -6.33 5.54
C ASP A 65 9.24 -6.34 6.07
N ALA A 66 9.44 -6.00 7.34
CA ALA A 66 10.78 -6.04 7.92
C ALA A 66 11.37 -7.44 7.93
N GLU A 67 10.52 -8.47 7.98
CA GLU A 67 10.98 -9.84 8.07
C GLU A 67 11.35 -10.41 6.71
N ILE A 68 10.54 -10.17 5.69
CA ILE A 68 10.87 -10.72 4.38
C ILE A 68 12.07 -10.02 3.78
N LYS A 69 12.35 -8.78 4.18
CA LYS A 69 13.57 -8.12 3.70
C LYS A 69 14.81 -8.78 4.27
N LYS A 70 14.74 -9.32 5.50
CA LYS A 70 15.85 -10.13 6.01
C LYS A 70 16.12 -11.32 5.11
N LEU A 71 15.07 -11.89 4.51
CA LEU A 71 15.16 -13.02 3.62
C LEU A 71 15.66 -12.67 2.23
N GLY A 72 15.88 -11.38 1.95
CA GLY A 72 16.32 -10.97 0.62
C GLY A 72 15.22 -10.64 -0.35
N VAL A 73 14.00 -10.39 0.14
CA VAL A 73 12.84 -10.11 -0.70
C VAL A 73 12.63 -8.61 -0.77
N GLU A 74 12.35 -8.12 -1.98
CA GLU A 74 12.19 -6.70 -2.23
C GLU A 74 10.77 -6.42 -2.69
N ASN A 75 10.31 -5.19 -2.44
CA ASN A 75 8.94 -4.80 -2.79
C ASN A 75 8.90 -4.13 -4.15
N CYS A 76 7.78 -4.33 -4.85
CA CYS A 76 7.58 -3.84 -6.22
C CYS A 76 6.08 -3.69 -6.46
N TYR A 77 5.69 -3.35 -7.68
CA TYR A 77 4.27 -3.35 -8.03
C TYR A 77 4.11 -3.66 -9.51
N PHE A 78 3.36 -4.77 -9.81
CA PHE A 78 3.01 -5.24 -11.15
C PHE A 78 1.60 -4.79 -11.54
N PRO A 79 1.28 -4.80 -12.84
CA PRO A 79 -0.03 -4.32 -13.29
C PRO A 79 -1.16 -5.24 -12.81
N MET A 80 -2.33 -4.63 -12.56
CA MET A 80 -3.48 -5.43 -12.17
C MET A 80 -4.20 -6.08 -13.35
N PHE A 81 -3.81 -5.76 -14.57
CA PHE A 81 -4.51 -6.28 -15.73
C PHE A 81 -3.74 -7.45 -16.32
N VAL A 82 -4.47 -8.46 -16.78
CA VAL A 82 -3.84 -9.66 -17.33
C VAL A 82 -4.40 -9.94 -18.71
N SER A 83 -3.51 -10.22 -19.65
CA SER A 83 -4.05 -10.57 -20.97
C SER A 83 -4.65 -11.97 -20.91
N GLN A 84 -5.54 -12.24 -21.86
CA GLN A 84 -6.13 -13.58 -21.91
C GLN A 84 -5.09 -14.65 -22.22
N SER A 85 -4.07 -14.35 -23.03
CA SER A 85 -3.08 -15.39 -23.34
C SER A 85 -2.22 -15.71 -22.13
N ALA A 86 -1.77 -14.68 -21.40
CA ALA A 86 -0.87 -14.92 -20.27
C ALA A 86 -1.59 -15.65 -19.16
N LEU A 87 -2.87 -15.32 -18.94
CA LEU A 87 -3.65 -15.95 -17.87
C LEU A 87 -3.79 -17.45 -18.10
N GLU A 88 -3.88 -17.87 -19.36
CA GLU A 88 -4.18 -19.25 -19.71
C GLU A 88 -2.92 -20.08 -20.03
N LYS A 89 -1.73 -19.60 -19.67
CA LYS A 89 -0.50 -20.33 -19.97
C LYS A 89 -0.40 -21.61 -19.14
N GLU A 90 -0.67 -21.50 -17.83
CA GLU A 90 -0.73 -22.65 -16.94
C GLU A 90 -2.16 -23.19 -16.92
N LYS A 91 -2.34 -24.40 -17.45
CA LYS A 91 -3.70 -24.89 -17.73
C LYS A 91 -4.51 -25.10 -16.46
N THR A 92 -3.95 -25.79 -15.46
CA THR A 92 -4.75 -26.10 -14.28
C THR A 92 -4.90 -24.90 -13.36
N HIS A 93 -4.00 -23.91 -13.44
CA HIS A 93 -4.13 -22.69 -12.65
C HIS A 93 -5.36 -21.89 -13.06
N VAL A 94 -5.52 -21.61 -14.35
CA VAL A 94 -6.63 -20.78 -14.82
C VAL A 94 -7.94 -21.55 -14.74
N ALA A 95 -7.89 -22.87 -14.93
CA ALA A 95 -9.11 -23.66 -14.87
C ALA A 95 -9.80 -23.54 -13.50
N ASP A 96 -9.04 -23.29 -12.43
CA ASP A 96 -9.65 -23.16 -11.11
C ASP A 96 -10.17 -21.75 -10.82
N PHE A 97 -9.46 -20.71 -11.29
CA PHE A 97 -9.83 -19.32 -11.11
C PHE A 97 -10.75 -18.75 -12.19
N ALA A 98 -10.92 -19.43 -13.33
CA ALA A 98 -11.64 -18.83 -14.45
C ALA A 98 -13.00 -18.27 -14.08
N PRO A 99 -13.91 -18.99 -13.41
CA PRO A 99 -15.26 -18.46 -13.18
C PRO A 99 -15.33 -17.33 -12.17
N GLU A 100 -14.24 -17.00 -11.48
CA GLU A 100 -14.22 -15.91 -10.52
C GLU A 100 -13.31 -14.76 -10.96
N VAL A 101 -12.93 -14.71 -12.23
CA VAL A 101 -12.11 -13.62 -12.74
C VAL A 101 -13.01 -12.55 -13.33
N ALA A 102 -12.78 -11.30 -12.91
CA ALA A 102 -13.51 -10.16 -13.43
C ALA A 102 -12.91 -9.69 -14.75
N TRP A 103 -13.76 -9.49 -15.74
CA TRP A 103 -13.30 -9.09 -17.07
C TRP A 103 -13.71 -7.67 -17.40
N VAL A 104 -12.74 -6.85 -17.81
CA VAL A 104 -13.00 -5.52 -18.33
C VAL A 104 -13.26 -5.66 -19.83
N THR A 105 -14.40 -5.16 -20.29
CA THR A 105 -14.77 -5.34 -21.69
C THR A 105 -15.02 -4.04 -22.45
N ARG A 106 -14.98 -2.89 -21.79
CA ARG A 106 -15.23 -1.64 -22.50
C ARG A 106 -14.67 -0.50 -21.68
N SER A 107 -14.21 0.52 -22.40
CA SER A 107 -13.76 1.76 -21.80
C SER A 107 -14.74 2.84 -22.25
N GLY A 108 -15.41 3.49 -21.29
CA GLY A 108 -16.49 4.38 -21.60
C GLY A 108 -17.59 3.66 -22.35
N LYS A 109 -17.96 4.20 -23.52
CA LYS A 109 -18.89 3.54 -24.41
C LYS A 109 -18.20 2.72 -25.51
N THR A 110 -16.88 2.55 -25.46
CA THR A 110 -16.13 1.90 -26.53
C THR A 110 -15.72 0.49 -26.11
N GLU A 111 -16.26 -0.51 -26.81
CA GLU A 111 -15.93 -1.90 -26.49
C GLU A 111 -14.48 -2.20 -26.84
N LEU A 112 -13.81 -2.94 -25.96
CA LEU A 112 -12.42 -3.33 -26.16
C LEU A 112 -12.33 -4.46 -27.17
N ALA A 113 -11.33 -4.39 -28.05
CA ALA A 113 -11.17 -5.45 -29.05
C ALA A 113 -10.90 -6.79 -28.38
N GLU A 114 -10.12 -6.81 -27.31
CA GLU A 114 -9.80 -8.02 -26.56
C GLU A 114 -10.05 -7.76 -25.08
N PRO A 115 -10.99 -8.47 -24.46
CA PRO A 115 -11.21 -8.30 -23.02
C PRO A 115 -9.93 -8.55 -22.22
N ILE A 116 -9.73 -7.75 -21.17
CA ILE A 116 -8.63 -7.95 -20.25
C ILE A 116 -9.17 -8.33 -18.88
N ALA A 117 -8.33 -8.96 -18.08
CA ALA A 117 -8.76 -9.55 -16.84
C ALA A 117 -8.17 -8.83 -15.64
N ILE A 118 -8.93 -8.79 -14.57
CA ILE A 118 -8.38 -8.29 -13.30
C ILE A 118 -7.72 -9.45 -12.57
N ARG A 119 -6.50 -9.23 -12.10
CA ARG A 119 -5.73 -10.25 -11.38
C ARG A 119 -6.52 -10.82 -10.22
N PRO A 120 -6.73 -12.16 -10.18
CA PRO A 120 -7.13 -12.82 -8.92
C PRO A 120 -5.92 -13.25 -8.11
N THR A 121 -4.77 -13.21 -8.78
CA THR A 121 -3.45 -13.47 -8.23
C THR A 121 -2.46 -13.24 -9.36
N SER A 122 -1.19 -12.98 -9.06
CA SER A 122 -0.32 -12.36 -10.05
C SER A 122 0.68 -13.31 -10.68
N GLU A 123 0.54 -14.63 -10.50
CA GLU A 123 1.47 -15.57 -11.15
C GLU A 123 1.59 -15.29 -12.65
N THR A 124 0.44 -15.18 -13.34
CA THR A 124 0.52 -15.08 -14.79
C THR A 124 0.92 -13.69 -15.26
N VAL A 125 0.93 -12.72 -14.35
CA VAL A 125 1.33 -11.35 -14.67
C VAL A 125 2.83 -11.19 -14.57
N MET A 126 3.41 -11.82 -13.55
CA MET A 126 4.79 -11.62 -13.18
C MET A 126 5.74 -12.52 -13.96
N TYR A 127 5.36 -13.78 -14.17
CA TYR A 127 6.27 -14.79 -14.69
C TYR A 127 6.72 -14.52 -16.13
N PRO A 128 5.93 -13.89 -17.01
CA PRO A 128 6.56 -13.43 -18.27
C PRO A 128 7.75 -12.51 -18.02
N ALA A 129 7.70 -11.67 -16.98
CA ALA A 129 8.85 -10.81 -16.69
C ALA A 129 9.99 -11.59 -16.07
N TYR A 130 9.68 -12.51 -15.15
CA TYR A 130 10.71 -13.38 -14.62
C TYR A 130 11.48 -14.05 -15.75
N ALA A 131 10.77 -14.53 -16.77
CA ALA A 131 11.44 -15.22 -17.87
C ALA A 131 12.42 -14.30 -18.57
N LYS A 132 12.01 -13.05 -18.81
CA LYS A 132 12.89 -12.06 -19.42
C LYS A 132 14.07 -11.73 -18.52
N TRP A 133 13.85 -11.65 -17.20
CA TRP A 133 14.93 -11.27 -16.30
C TRP A 133 15.94 -12.40 -16.07
N VAL A 134 15.56 -13.65 -16.30
CA VAL A 134 16.46 -14.78 -16.08
C VAL A 134 17.09 -15.14 -17.42
N GLN A 135 18.31 -14.64 -17.64
CA GLN A 135 19.13 -14.98 -18.80
C GLN A 135 20.23 -15.97 -18.48
N SER A 136 20.72 -15.97 -17.24
CA SER A 136 21.78 -16.87 -16.79
C SER A 136 21.51 -17.19 -15.32
N HIS A 137 22.26 -18.16 -14.79
CA HIS A 137 22.11 -18.57 -13.39
C HIS A 137 22.53 -17.48 -12.41
N ARG A 138 23.26 -16.46 -12.84
CA ARG A 138 23.61 -15.36 -11.95
C ARG A 138 22.41 -14.49 -11.60
N ASP A 139 21.37 -14.49 -12.44
CA ASP A 139 20.15 -13.74 -12.16
C ASP A 139 19.28 -14.41 -11.13
N LEU A 140 19.51 -15.73 -10.81
CA LEU A 140 18.73 -16.34 -9.74
C LEU A 140 19.49 -16.24 -8.42
N PRO A 141 18.78 -16.15 -7.29
CA PRO A 141 17.31 -16.12 -7.21
C PRO A 141 16.72 -14.73 -7.42
N ILE A 142 15.40 -14.73 -7.61
CA ILE A 142 14.60 -13.53 -7.73
C ILE A 142 13.58 -13.57 -6.61
N LYS A 143 13.60 -12.55 -5.74
CA LYS A 143 12.72 -12.52 -4.59
C LYS A 143 11.94 -11.19 -4.63
N LEU A 144 10.68 -11.26 -5.05
CA LEU A 144 9.84 -10.06 -5.15
C LEU A 144 8.51 -10.26 -4.44
N ASN A 145 8.03 -9.18 -3.81
CA ASN A 145 6.78 -9.13 -3.07
C ASN A 145 6.05 -7.82 -3.39
N GLN A 146 4.72 -7.85 -3.30
CA GLN A 146 3.93 -6.65 -3.49
C GLN A 146 2.72 -6.61 -2.55
N TRP A 147 2.39 -5.39 -2.07
CA TRP A 147 1.16 -5.10 -1.34
C TRP A 147 0.18 -4.43 -2.30
N CYS A 148 -0.95 -5.09 -2.56
CA CYS A 148 -1.85 -4.64 -3.62
C CYS A 148 -3.21 -5.27 -3.40
N ASN A 149 -4.14 -4.96 -4.30
CA ASN A 149 -5.48 -5.51 -4.25
C ASN A 149 -5.68 -6.55 -5.34
N VAL A 150 -6.53 -7.53 -5.07
CA VAL A 150 -6.93 -8.48 -6.10
C VAL A 150 -8.44 -8.65 -6.05
N VAL A 151 -8.96 -9.35 -7.03
CA VAL A 151 -10.40 -9.53 -7.15
C VAL A 151 -10.69 -11.00 -7.38
N ARG A 152 -11.63 -11.55 -6.62
CA ARG A 152 -12.05 -12.94 -6.77
C ARG A 152 -13.57 -12.95 -6.68
N TRP A 153 -14.23 -13.02 -7.83
CA TRP A 153 -15.69 -12.95 -7.86
C TRP A 153 -16.25 -14.33 -7.52
N GLU A 154 -16.17 -14.67 -6.25
CA GLU A 154 -16.40 -16.05 -5.84
C GLU A 154 -17.89 -16.38 -5.75
N PHE A 155 -18.17 -17.68 -5.70
CA PHE A 155 -19.54 -18.16 -5.60
C PHE A 155 -20.05 -18.18 -4.16
N LYS A 156 -19.15 -18.06 -3.17
CA LYS A 156 -19.49 -18.22 -1.77
C LYS A 156 -20.16 -16.96 -1.20
N HIS A 157 -20.70 -17.10 0.00
CA HIS A 157 -21.35 -15.98 0.67
C HIS A 157 -20.28 -15.02 1.21
N PRO A 158 -20.31 -13.75 0.82
CA PRO A 158 -19.27 -12.83 1.30
C PRO A 158 -19.48 -12.47 2.76
N GLN A 159 -18.37 -12.14 3.42
CA GLN A 159 -18.38 -11.81 4.81
C GLN A 159 -17.20 -10.87 5.00
N PRO A 160 -17.40 -9.70 5.61
CA PRO A 160 -16.32 -8.72 5.76
C PRO A 160 -15.08 -9.31 6.41
N PHE A 161 -13.92 -8.94 5.85
CA PHE A 161 -12.58 -9.44 6.18
C PHE A 161 -12.37 -10.88 5.72
N LEU A 162 -13.24 -11.80 6.17
CA LEU A 162 -13.02 -13.22 5.96
C LEU A 162 -13.13 -13.61 4.49
N ARG A 163 -14.16 -13.11 3.79
CA ARG A 163 -14.38 -13.50 2.39
C ARG A 163 -15.00 -12.32 1.65
N THR A 164 -14.18 -11.55 0.94
CA THR A 164 -14.69 -10.43 0.18
C THR A 164 -14.33 -10.61 -1.29
N ARG A 165 -15.10 -9.92 -2.16
CA ARG A 165 -14.84 -10.00 -3.59
C ARG A 165 -13.56 -9.26 -3.96
N GLU A 166 -13.26 -8.16 -3.29
CA GLU A 166 -11.97 -7.50 -3.43
C GLU A 166 -11.32 -7.45 -2.07
N PHE A 167 -10.02 -7.75 -2.01
CA PHE A 167 -9.34 -7.67 -0.73
C PHE A 167 -7.91 -7.22 -0.92
N LEU A 168 -7.32 -6.75 0.17
CA LEU A 168 -5.93 -6.34 0.22
C LEU A 168 -5.09 -7.48 0.75
N TRP A 169 -3.87 -7.61 0.23
CA TRP A 169 -3.02 -8.74 0.59
C TRP A 169 -1.58 -8.42 0.23
N GLN A 170 -0.69 -9.37 0.51
CA GLN A 170 0.67 -9.36 -0.03
C GLN A 170 0.89 -10.69 -0.73
N GLU A 171 1.49 -10.65 -1.91
CA GLU A 171 1.87 -11.87 -2.61
C GLU A 171 3.37 -11.79 -2.86
N GLY A 172 4.09 -12.80 -2.36
CA GLY A 172 5.51 -12.92 -2.59
C GLY A 172 5.76 -14.05 -3.56
N HIS A 173 6.64 -13.81 -4.53
CA HIS A 173 6.92 -14.76 -5.59
C HIS A 173 8.43 -14.88 -5.70
N SER A 174 8.97 -16.08 -5.46
CA SER A 174 10.40 -16.31 -5.51
C SER A 174 10.73 -17.42 -6.49
N ALA A 175 11.84 -17.25 -7.22
CA ALA A 175 12.33 -18.22 -8.19
C ALA A 175 13.77 -18.57 -7.87
N PHE A 176 14.05 -19.86 -7.76
CA PHE A 176 15.35 -20.37 -7.36
C PHE A 176 15.88 -21.34 -8.42
N ALA A 177 17.21 -21.53 -8.41
CA ALA A 177 17.85 -22.47 -9.31
C ALA A 177 17.68 -23.92 -8.88
N THR A 178 17.44 -24.20 -7.61
CA THR A 178 17.31 -25.57 -7.13
C THR A 178 16.10 -25.71 -6.21
N MET A 179 15.57 -26.93 -6.14
CA MET A 179 14.37 -27.19 -5.33
C MET A 179 14.67 -27.09 -3.85
N GLU A 180 15.91 -27.36 -3.44
CA GLU A 180 16.26 -27.29 -2.02
C GLU A 180 16.15 -25.85 -1.51
N GLU A 181 16.58 -24.89 -2.34
CA GLU A 181 16.50 -23.49 -1.94
C GLU A 181 15.06 -23.01 -1.83
N ALA A 182 14.21 -23.40 -2.78
CA ALA A 182 12.79 -23.07 -2.72
C ALA A 182 12.13 -23.70 -1.50
N ALA A 183 12.31 -25.02 -1.28
CA ALA A 183 11.61 -25.67 -0.18
C ALA A 183 11.93 -25.01 1.16
N GLU A 184 13.18 -24.58 1.36
CA GLU A 184 13.55 -23.89 2.60
C GLU A 184 12.75 -22.60 2.78
N GLU A 185 12.56 -21.84 1.69
CA GLU A 185 11.79 -20.61 1.81
C GLU A 185 10.32 -20.89 2.18
N VAL A 186 9.75 -21.98 1.69
CA VAL A 186 8.32 -22.24 1.93
C VAL A 186 8.05 -22.30 3.43
N LEU A 187 8.86 -23.07 4.16
CA LEU A 187 8.67 -23.17 5.60
C LEU A 187 9.09 -21.88 6.33
N GLN A 188 10.14 -21.22 5.85
CA GLN A 188 10.52 -19.93 6.42
C GLN A 188 9.35 -18.94 6.41
N ILE A 189 8.66 -18.80 5.27
CA ILE A 189 7.55 -17.85 5.17
C ILE A 189 6.38 -18.31 6.03
N LEU A 190 6.03 -19.60 5.96
CA LEU A 190 4.93 -20.12 6.78
C LEU A 190 5.17 -19.81 8.25
N ASP A 191 6.42 -19.91 8.71
CA ASP A 191 6.74 -19.55 10.09
C ASP A 191 6.47 -18.07 10.35
N LEU A 192 6.72 -17.22 9.36
CA LEU A 192 6.44 -15.79 9.52
C LEU A 192 4.94 -15.55 9.67
N TYR A 193 4.13 -16.14 8.79
CA TYR A 193 2.68 -16.08 8.94
C TYR A 193 2.25 -16.49 10.34
N ALA A 194 2.82 -17.59 10.85
CA ALA A 194 2.49 -18.03 12.19
C ALA A 194 2.89 -17.00 13.24
N GLN A 195 4.01 -16.29 13.03
CA GLN A 195 4.37 -15.20 13.94
C GLN A 195 3.37 -14.05 13.85
N VAL A 196 2.87 -13.76 12.64
CA VAL A 196 1.86 -12.71 12.47
C VAL A 196 0.64 -12.99 13.35
N TYR A 197 0.16 -14.24 13.34
CA TYR A 197 -1.04 -14.62 14.08
C TYR A 197 -0.77 -14.79 15.58
N GLU A 198 0.30 -15.50 15.93
CA GLU A 198 0.55 -15.88 17.33
C GLU A 198 1.17 -14.75 18.15
N GLU A 199 2.04 -13.93 17.54
CA GLU A 199 2.80 -12.91 18.26
C GLU A 199 2.22 -11.52 18.10
N LEU A 200 1.44 -11.27 17.06
CA LEU A 200 0.85 -9.96 16.85
C LEU A 200 -0.64 -9.95 17.12
N LEU A 201 -1.39 -10.92 16.58
CA LEU A 201 -2.82 -11.03 16.84
C LEU A 201 -3.14 -11.94 18.02
N ALA A 202 -2.14 -12.58 18.64
CA ALA A 202 -2.36 -13.49 19.77
C ALA A 202 -3.38 -14.58 19.43
N ILE A 203 -3.22 -15.19 18.26
CA ILE A 203 -4.09 -16.25 17.75
C ILE A 203 -3.22 -17.48 17.52
N PRO A 204 -3.50 -18.60 18.17
CA PRO A 204 -2.74 -19.83 17.87
C PRO A 204 -3.17 -20.42 16.55
N VAL A 205 -2.21 -21.05 15.87
CA VAL A 205 -2.45 -21.62 14.54
C VAL A 205 -1.79 -22.97 14.47
N VAL A 206 -2.23 -23.76 13.49
CA VAL A 206 -1.74 -25.12 13.25
C VAL A 206 -1.01 -25.10 11.92
N LYS A 207 0.27 -25.44 11.94
CA LYS A 207 1.03 -25.56 10.71
C LYS A 207 0.77 -26.92 10.08
N GLY A 208 0.47 -26.92 8.79
CA GLY A 208 0.30 -28.17 8.08
C GLY A 208 0.36 -27.95 6.58
N ARG A 209 0.04 -29.01 5.85
CA ARG A 209 0.02 -28.93 4.42
C ARG A 209 -1.34 -29.37 3.89
N LYS A 210 -1.79 -28.70 2.83
CA LYS A 210 -3.08 -29.01 2.25
C LYS A 210 -3.07 -30.41 1.65
N THR A 211 -4.25 -31.03 1.62
CA THR A 211 -4.42 -32.27 0.89
C THR A 211 -4.33 -32.01 -0.61
N GLU A 212 -4.31 -33.10 -1.38
CA GLU A 212 -4.25 -32.98 -2.84
C GLU A 212 -5.46 -32.23 -3.40
N LYS A 213 -6.62 -32.34 -2.76
CA LYS A 213 -7.81 -31.66 -3.26
C LYS A 213 -7.71 -30.15 -3.05
N GLU A 214 -7.23 -29.73 -1.88
CA GLU A 214 -7.27 -28.33 -1.48
C GLU A 214 -5.99 -27.58 -1.82
N LYS A 215 -4.99 -28.25 -2.39
CA LYS A 215 -3.73 -27.58 -2.66
C LYS A 215 -3.87 -26.60 -3.82
N PHE A 216 -2.87 -25.73 -3.96
CA PHE A 216 -2.89 -24.71 -5.01
C PHE A 216 -2.83 -25.37 -6.37
N ALA A 217 -3.75 -25.00 -7.25
CA ALA A 217 -3.78 -25.52 -8.61
C ALA A 217 -2.59 -24.96 -9.37
N GLY A 218 -1.67 -25.84 -9.75
CA GLY A 218 -0.45 -25.43 -10.42
C GLY A 218 0.82 -25.61 -9.60
N GLY A 219 0.72 -25.89 -8.29
CA GLY A 219 1.88 -26.12 -7.46
C GLY A 219 2.13 -27.59 -7.15
N ASP A 220 3.28 -27.86 -6.53
CA ASP A 220 3.58 -29.23 -6.09
C ASP A 220 2.93 -29.50 -4.73
N TYR A 221 3.09 -28.60 -3.77
CA TYR A 221 2.40 -28.75 -2.50
C TYR A 221 2.11 -27.37 -1.91
N THR A 222 1.17 -27.36 -0.97
CA THR A 222 0.73 -26.14 -0.32
C THR A 222 0.83 -26.32 1.18
N THR A 223 1.54 -25.41 1.85
CA THR A 223 1.56 -25.37 3.29
C THR A 223 0.61 -24.26 3.75
N THR A 224 0.07 -24.42 4.96
CA THR A 224 -0.97 -23.52 5.43
C THR A 224 -0.96 -23.45 6.94
N ILE A 225 -1.37 -22.29 7.47
CA ILE A 225 -1.68 -22.17 8.91
C ILE A 225 -3.19 -22.03 9.07
N GLU A 226 -3.78 -22.95 9.83
CA GLU A 226 -5.21 -22.94 10.09
C GLU A 226 -5.49 -22.46 11.52
N ALA A 227 -6.45 -21.54 11.66
CA ALA A 227 -6.89 -20.99 12.94
C ALA A 227 -8.31 -21.45 13.24
N PHE A 228 -8.71 -21.37 14.52
CA PHE A 228 -9.99 -21.88 14.98
C PHE A 228 -10.81 -20.79 15.66
N ILE A 229 -12.09 -20.73 15.31
CA ILE A 229 -13.04 -19.76 15.83
C ILE A 229 -14.05 -20.54 16.66
N SER A 230 -13.97 -20.36 17.99
CA SER A 230 -14.72 -21.23 18.89
C SER A 230 -16.21 -20.89 18.91
N ALA A 231 -16.57 -19.62 18.73
CA ALA A 231 -17.98 -19.25 18.76
C ALA A 231 -18.76 -19.96 17.66
N SER A 232 -18.16 -20.11 16.48
CA SER A 232 -18.78 -20.82 15.37
C SER A 232 -18.38 -22.28 15.28
N GLY A 233 -17.37 -22.71 16.04
CA GLY A 233 -16.88 -24.06 15.86
C GLY A 233 -16.21 -24.34 14.53
N ARG A 234 -15.90 -23.32 13.75
CA ARG A 234 -15.33 -23.49 12.42
C ARG A 234 -13.87 -23.03 12.39
N ALA A 235 -13.06 -23.74 11.61
CA ALA A 235 -11.70 -23.32 11.35
C ALA A 235 -11.68 -22.35 10.18
N ILE A 236 -10.56 -21.63 10.01
CA ILE A 236 -10.37 -20.72 8.87
C ILE A 236 -8.88 -20.67 8.53
N GLN A 237 -8.59 -20.58 7.24
CA GLN A 237 -7.21 -20.56 6.78
C GLN A 237 -6.62 -19.16 6.93
N GLY A 238 -5.48 -19.07 7.60
CA GLY A 238 -4.87 -17.78 7.86
C GLY A 238 -3.74 -17.37 6.93
N GLY A 239 -3.12 -18.33 6.24
CA GLY A 239 -1.99 -18.07 5.35
C GLY A 239 -1.61 -19.28 4.51
N THR A 240 -1.05 -19.04 3.32
CA THR A 240 -0.57 -20.11 2.46
C THR A 240 0.81 -19.77 1.94
N SER A 241 1.63 -20.81 1.79
CA SER A 241 2.98 -20.75 1.26
C SER A 241 3.10 -21.97 0.36
N HIS A 242 3.02 -21.75 -0.95
CA HIS A 242 2.99 -22.81 -1.91
C HIS A 242 4.39 -23.07 -2.42
N HIS A 243 4.65 -24.32 -2.80
CA HIS A 243 5.82 -24.62 -3.63
C HIS A 243 5.28 -24.93 -5.02
N LEU A 244 5.51 -24.01 -5.94
CA LEU A 244 5.01 -24.18 -7.30
C LEU A 244 5.86 -25.15 -8.11
N GLY A 245 7.02 -25.54 -7.61
CA GLY A 245 7.88 -26.41 -8.37
C GLY A 245 8.23 -25.73 -9.67
N GLN A 246 8.11 -26.49 -10.75
CA GLN A 246 8.47 -26.03 -12.09
C GLN A 246 7.26 -25.96 -13.00
N ASN A 247 6.05 -26.08 -12.46
CA ASN A 247 4.88 -26.14 -13.33
C ASN A 247 4.66 -24.82 -14.07
N PHE A 248 5.09 -23.71 -13.48
CA PHE A 248 4.95 -22.41 -14.12
C PHE A 248 6.17 -22.06 -14.97
N SER A 249 7.36 -22.39 -14.50
CA SER A 249 8.54 -22.06 -15.27
C SER A 249 8.60 -22.88 -16.55
N LYS A 250 8.00 -24.07 -16.57
CA LYS A 250 7.93 -24.82 -17.82
C LYS A 250 6.94 -24.19 -18.79
N MET A 251 5.95 -23.46 -18.27
CA MET A 251 4.98 -22.83 -19.15
C MET A 251 5.42 -21.44 -19.58
N PHE A 252 6.07 -20.70 -18.69
CA PHE A 252 6.49 -19.35 -18.96
C PHE A 252 7.93 -19.25 -19.41
N GLU A 253 8.63 -20.39 -19.57
CA GLU A 253 10.01 -20.43 -20.05
C GLU A 253 10.93 -19.57 -19.18
N ILE A 254 10.93 -19.87 -17.88
CA ILE A 254 11.90 -19.27 -16.96
C ILE A 254 13.04 -20.27 -16.84
N VAL A 255 14.05 -20.09 -17.68
CA VAL A 255 15.03 -21.14 -17.92
C VAL A 255 16.42 -20.55 -17.73
N PHE A 256 17.38 -21.43 -17.54
CA PHE A 256 18.77 -21.03 -17.37
C PHE A 256 19.62 -22.25 -17.62
N GLU A 257 20.92 -22.04 -17.71
CA GLU A 257 21.85 -23.12 -17.99
C GLU A 257 22.75 -23.33 -16.77
N ASP A 258 22.67 -24.51 -16.17
CA ASP A 258 23.53 -24.83 -15.04
C ASP A 258 24.96 -25.05 -15.54
N PRO A 259 25.96 -24.43 -14.92
CA PRO A 259 27.35 -24.65 -15.36
C PRO A 259 27.82 -26.08 -15.21
N LYS A 260 27.14 -26.90 -14.39
CA LYS A 260 27.55 -28.29 -14.23
C LYS A 260 26.95 -29.19 -15.31
N ILE A 261 25.81 -28.81 -15.89
CA ILE A 261 25.15 -29.59 -16.93
C ILE A 261 25.21 -28.82 -18.25
N PRO A 262 26.22 -29.04 -19.08
CA PRO A 262 26.39 -28.21 -20.28
C PRO A 262 25.25 -28.36 -21.27
N GLY A 263 24.76 -27.22 -21.78
CA GLY A 263 23.85 -27.20 -22.91
C GLY A 263 22.42 -27.63 -22.64
N GLU A 264 22.05 -27.92 -21.40
CA GLU A 264 20.73 -28.46 -21.10
C GLU A 264 19.89 -27.41 -20.38
N LYS A 265 18.65 -27.28 -20.85
CA LYS A 265 17.75 -26.25 -20.36
C LYS A 265 17.26 -26.63 -18.97
N GLN A 266 17.56 -25.80 -17.97
CA GLN A 266 17.11 -26.01 -16.60
C GLN A 266 15.97 -25.04 -16.31
N PHE A 267 14.89 -25.56 -15.75
CA PHE A 267 13.74 -24.74 -15.37
C PHE A 267 13.84 -24.33 -13.91
N ALA A 268 13.47 -23.09 -13.61
CA ALA A 268 13.54 -22.58 -12.25
C ALA A 268 12.46 -23.19 -11.36
N TYR A 269 12.79 -23.37 -10.09
CA TYR A 269 11.83 -23.78 -9.07
C TYR A 269 11.26 -22.52 -8.43
N GLN A 270 9.94 -22.45 -8.31
CA GLN A 270 9.28 -21.23 -7.84
C GLN A 270 8.39 -21.49 -6.63
N ASN A 271 8.18 -20.45 -5.83
CA ASN A 271 7.27 -20.44 -4.69
C ASN A 271 6.38 -19.20 -4.79
N SER A 272 5.18 -19.29 -4.21
CA SER A 272 4.37 -18.09 -4.03
C SER A 272 3.67 -18.18 -2.68
N TRP A 273 3.52 -17.04 -2.00
CA TRP A 273 2.97 -17.02 -0.66
C TRP A 273 2.10 -15.79 -0.48
N GLY A 274 1.00 -15.95 0.27
CA GLY A 274 0.06 -14.85 0.44
C GLY A 274 -0.57 -14.79 1.82
N LEU A 275 -0.94 -13.57 2.22
CA LEU A 275 -1.61 -13.28 3.48
C LEU A 275 -2.53 -12.11 3.23
N THR A 276 -3.74 -12.16 3.78
CA THR A 276 -4.76 -11.18 3.42
C THR A 276 -5.29 -10.46 4.66
N THR A 277 -6.19 -9.51 4.39
CA THR A 277 -6.92 -8.78 5.42
C THR A 277 -7.95 -9.62 6.16
N ARG A 278 -8.12 -10.91 5.79
CA ARG A 278 -8.84 -11.84 6.64
C ARG A 278 -8.30 -11.84 8.07
N THR A 279 -6.99 -11.63 8.22
CA THR A 279 -6.36 -11.56 9.54
C THR A 279 -7.19 -10.74 10.52
N ILE A 280 -7.72 -9.61 10.06
CA ILE A 280 -8.45 -8.71 10.95
C ILE A 280 -9.77 -9.36 11.39
N GLY A 281 -10.42 -10.10 10.51
CA GLY A 281 -11.67 -10.75 10.89
C GLY A 281 -11.45 -11.91 11.85
N VAL A 282 -10.32 -12.62 11.70
CA VAL A 282 -10.00 -13.68 12.64
C VAL A 282 -9.72 -13.08 14.02
N MET A 283 -8.95 -11.99 14.05
CA MET A 283 -8.71 -11.28 15.30
C MET A 283 -10.01 -10.84 15.96
N THR A 284 -10.95 -10.37 15.15
CA THR A 284 -12.25 -9.97 15.68
C THR A 284 -13.00 -11.17 16.23
N MET A 285 -13.03 -12.26 15.45
CA MET A 285 -13.84 -13.41 15.84
C MET A 285 -13.27 -14.11 17.07
N VAL A 286 -11.96 -14.05 17.27
CA VAL A 286 -11.37 -14.80 18.35
C VAL A 286 -11.48 -14.05 19.67
N HIS A 287 -11.03 -12.79 19.70
CA HIS A 287 -10.91 -12.04 20.94
C HIS A 287 -12.10 -11.16 21.25
N GLY A 288 -13.00 -10.94 20.29
CA GLY A 288 -14.13 -10.06 20.54
C GLY A 288 -15.08 -10.63 21.58
N ASP A 289 -15.69 -9.73 22.35
CA ASP A 289 -16.69 -10.14 23.35
C ASP A 289 -18.00 -9.39 23.19
N ASN A 290 -18.85 -9.43 24.22
CA ASN A 290 -20.14 -8.78 24.12
C ASN A 290 -20.08 -7.30 24.44
N MET A 291 -18.91 -6.78 24.77
CA MET A 291 -18.69 -5.34 24.92
C MET A 291 -18.10 -4.71 23.67
N GLY A 292 -17.77 -5.50 22.66
CA GLY A 292 -17.21 -4.98 21.43
C GLY A 292 -15.95 -5.67 20.92
N LEU A 293 -15.10 -4.91 20.25
CA LEU A 293 -13.85 -5.44 19.77
C LEU A 293 -12.86 -5.56 20.93
N VAL A 294 -11.86 -6.42 20.76
CA VAL A 294 -10.75 -6.53 21.70
C VAL A 294 -9.47 -6.57 20.88
N LEU A 295 -8.68 -5.49 20.95
CA LEU A 295 -7.45 -5.35 20.18
C LEU A 295 -6.28 -5.93 20.94
N PRO A 296 -5.47 -6.78 20.32
CA PRO A 296 -4.21 -7.17 20.94
C PRO A 296 -3.29 -5.97 21.00
N PRO A 297 -2.64 -5.75 22.14
CA PRO A 297 -1.84 -4.53 22.29
C PRO A 297 -0.72 -4.41 21.26
N ARG A 298 -0.23 -5.50 20.68
CA ARG A 298 0.84 -5.34 19.70
C ARG A 298 0.37 -4.74 18.39
N VAL A 299 -0.92 -4.84 18.07
CA VAL A 299 -1.44 -4.28 16.82
C VAL A 299 -2.43 -3.13 17.05
N ALA A 300 -2.65 -2.73 18.30
CA ALA A 300 -3.63 -1.70 18.58
C ALA A 300 -3.15 -0.34 18.08
N CYS A 301 -3.97 0.30 17.25
CA CYS A 301 -3.72 1.68 16.81
C CYS A 301 -3.49 2.59 18.01
N VAL A 302 -4.36 2.50 19.01
CA VAL A 302 -4.19 3.16 20.29
C VAL A 302 -4.07 2.06 21.34
N GLN A 303 -2.95 2.05 22.07
CA GLN A 303 -2.76 1.08 23.16
C GLN A 303 -3.40 1.59 24.45
N VAL A 304 -3.23 2.88 24.75
CA VAL A 304 -3.79 3.50 25.93
C VAL A 304 -4.49 4.78 25.51
N VAL A 305 -5.73 4.94 25.95
CA VAL A 305 -6.51 6.16 25.74
C VAL A 305 -6.68 6.84 27.09
N ILE A 306 -6.48 8.16 27.11
CA ILE A 306 -6.55 8.94 28.33
C ILE A 306 -7.81 9.81 28.27
N ILE A 307 -8.69 9.67 29.26
CA ILE A 307 -9.93 10.43 29.30
C ILE A 307 -9.94 11.25 30.60
N PRO A 308 -10.14 12.56 30.53
CA PRO A 308 -10.30 13.36 31.75
C PRO A 308 -11.70 13.18 32.33
N CYS A 309 -11.77 12.74 33.58
CA CYS A 309 -13.03 12.49 34.27
C CYS A 309 -13.28 13.54 35.34
N GLY A 310 -14.53 13.64 35.75
CA GLY A 310 -14.92 14.46 36.89
C GLY A 310 -14.97 15.95 36.64
N ILE A 311 -14.91 16.40 35.39
CA ILE A 311 -14.95 17.82 35.09
C ILE A 311 -16.39 18.30 35.25
N THR A 312 -16.73 18.75 36.47
CA THR A 312 -18.05 19.30 36.73
C THR A 312 -18.10 20.75 36.26
N ASN A 313 -19.30 21.31 36.23
CA ASN A 313 -19.46 22.71 35.85
C ASN A 313 -19.05 23.66 36.96
N ALA A 314 -18.53 23.15 38.07
CA ALA A 314 -18.05 23.98 39.17
C ALA A 314 -16.56 24.23 39.10
N LEU A 315 -15.80 23.34 38.48
CA LEU A 315 -14.36 23.55 38.32
C LEU A 315 -14.11 24.76 37.42
N SER A 316 -13.21 25.64 37.86
CA SER A 316 -12.87 26.84 37.09
C SER A 316 -12.16 26.48 35.78
N GLU A 317 -12.11 27.45 34.87
CA GLU A 317 -11.39 27.27 33.62
C GLU A 317 -9.89 27.09 33.86
N GLU A 318 -9.35 27.78 34.87
CA GLU A 318 -7.95 27.58 35.21
C GLU A 318 -7.68 26.15 35.66
N ASP A 319 -8.52 25.63 36.57
CA ASP A 319 -8.33 24.27 37.06
C ASP A 319 -8.61 23.24 35.97
N LYS A 320 -9.62 23.49 35.13
CA LYS A 320 -9.89 22.56 34.03
C LYS A 320 -8.71 22.48 33.06
N GLU A 321 -7.99 23.60 32.87
CA GLU A 321 -6.78 23.59 32.05
C GLU A 321 -5.66 22.82 32.74
N ALA A 322 -5.67 22.76 34.07
CA ALA A 322 -4.67 21.99 34.79
C ALA A 322 -4.94 20.48 34.71
N LEU A 323 -6.21 20.07 34.66
CA LEU A 323 -6.51 18.66 34.48
C LEU A 323 -6.16 18.16 33.08
N ILE A 324 -6.43 18.98 32.04
CA ILE A 324 -6.08 18.56 30.69
C ILE A 324 -4.57 18.58 30.50
N ALA A 325 -3.87 19.46 31.22
CA ALA A 325 -2.42 19.51 31.14
C ALA A 325 -1.78 18.27 31.75
N LYS A 326 -2.38 17.72 32.83
CA LYS A 326 -1.89 16.46 33.38
C LYS A 326 -2.15 15.31 32.42
N CYS A 327 -3.29 15.32 31.73
CA CYS A 327 -3.56 14.29 30.73
C CYS A 327 -2.54 14.34 29.61
N ASN A 328 -2.21 15.53 29.13
CA ASN A 328 -1.18 15.68 28.11
C ASN A 328 0.19 15.26 28.63
N ASP A 329 0.45 15.50 29.91
CA ASP A 329 1.69 15.05 30.54
C ASP A 329 1.76 13.52 30.58
N TYR A 330 0.66 12.85 30.90
CA TYR A 330 0.65 11.39 30.77
C TYR A 330 0.84 10.97 29.32
N ARG A 331 0.31 11.74 28.38
CA ARG A 331 0.49 11.41 26.96
C ARG A 331 1.96 11.51 26.56
N ARG A 332 2.64 12.58 26.97
CA ARG A 332 4.04 12.76 26.57
C ARG A 332 4.95 11.71 27.21
N ARG A 333 4.67 11.33 28.46
CA ARG A 333 5.48 10.31 29.13
C ARG A 333 5.34 8.95 28.44
N LEU A 334 4.12 8.55 28.08
CA LEU A 334 3.91 7.27 27.42
C LEU A 334 4.51 7.24 26.02
N LEU A 335 4.51 8.38 25.31
CA LEU A 335 5.13 8.40 23.99
C LEU A 335 6.64 8.22 24.08
N SER A 336 7.27 8.74 25.14
CA SER A 336 8.72 8.65 25.26
C SER A 336 9.18 7.21 25.45
N VAL A 337 8.34 6.37 26.04
CA VAL A 337 8.62 4.96 26.20
C VAL A 337 7.95 4.13 25.10
N ASN A 338 7.58 4.76 23.98
CA ASN A 338 7.10 4.08 22.78
C ASN A 338 5.79 3.34 23.04
N ILE A 339 4.86 4.03 23.71
CA ILE A 339 3.49 3.54 23.88
C ILE A 339 2.58 4.42 23.03
N ARG A 340 1.81 3.79 22.14
CA ARG A 340 0.86 4.49 21.29
C ARG A 340 -0.33 4.93 22.13
N VAL A 341 -0.47 6.23 22.32
CA VAL A 341 -1.43 6.80 23.25
C VAL A 341 -2.23 7.90 22.54
N ARG A 342 -3.55 7.91 22.78
CA ARG A 342 -4.40 9.01 22.38
C ARG A 342 -5.04 9.63 23.63
N ALA A 343 -5.08 10.95 23.67
CA ALA A 343 -5.69 11.70 24.76
C ALA A 343 -7.01 12.27 24.25
N ASP A 344 -8.12 11.56 24.54
CA ASP A 344 -9.43 12.01 24.11
C ASP A 344 -9.88 13.18 24.98
N LEU A 345 -9.63 14.40 24.52
CA LEU A 345 -9.95 15.61 25.25
C LEU A 345 -11.14 16.35 24.64
N ARG A 346 -11.97 15.64 23.88
CA ARG A 346 -13.12 16.27 23.23
C ARG A 346 -14.07 16.85 24.27
N ASP A 347 -14.48 18.12 24.07
CA ASP A 347 -15.39 18.79 24.98
C ASP A 347 -16.86 18.54 24.68
N ASN A 348 -17.19 17.94 23.53
CA ASN A 348 -18.57 17.70 23.13
C ASN A 348 -19.09 16.31 23.50
N TYR A 349 -18.23 15.41 23.99
CA TYR A 349 -18.64 14.07 24.39
C TYR A 349 -18.43 13.88 25.88
N SER A 350 -19.42 13.28 26.55
CA SER A 350 -19.31 13.00 27.98
C SER A 350 -18.32 11.86 28.22
N PRO A 351 -17.72 11.80 29.42
CA PRO A 351 -16.82 10.67 29.72
C PRO A 351 -17.48 9.31 29.59
N GLY A 352 -18.79 9.21 29.82
CA GLY A 352 -19.45 7.92 29.67
C GLY A 352 -19.51 7.47 28.23
N TRP A 353 -19.74 8.41 27.31
CA TRP A 353 -19.71 8.08 25.89
C TRP A 353 -18.28 7.71 25.46
N LYS A 354 -17.29 8.41 25.99
CA LYS A 354 -15.89 8.10 25.67
C LYS A 354 -15.51 6.70 26.14
N PHE A 355 -15.98 6.29 27.33
CA PHE A 355 -15.65 4.95 27.81
C PHE A 355 -16.23 3.89 26.87
N ASN A 356 -17.47 4.07 26.43
CA ASN A 356 -18.06 3.09 25.53
C ASN A 356 -17.46 3.19 24.14
N HIS A 357 -17.06 4.40 23.73
CA HIS A 357 -16.45 4.57 22.41
C HIS A 357 -15.19 3.71 22.31
N TRP A 358 -14.27 3.86 23.27
CA TRP A 358 -13.01 3.15 23.19
C TRP A 358 -13.09 1.71 23.67
N GLU A 359 -14.18 1.33 24.33
CA GLU A 359 -14.40 -0.08 24.64
C GLU A 359 -14.88 -0.84 23.41
N LEU A 360 -15.79 -0.24 22.65
CA LEU A 360 -16.25 -0.85 21.40
C LEU A 360 -15.08 -1.02 20.41
N LYS A 361 -14.16 -0.06 20.37
CA LYS A 361 -13.02 -0.12 19.46
C LYS A 361 -11.88 -0.99 19.99
N GLY A 362 -11.95 -1.43 21.24
CA GLY A 362 -11.03 -2.43 21.75
C GLY A 362 -9.74 -1.90 22.33
N VAL A 363 -9.69 -0.65 22.77
CA VAL A 363 -8.40 -0.14 23.25
C VAL A 363 -7.98 -0.93 24.48
N PRO A 364 -6.75 -1.43 24.54
CA PRO A 364 -6.40 -2.34 25.64
C PRO A 364 -6.51 -1.74 27.02
N ILE A 365 -6.14 -0.46 27.19
CA ILE A 365 -6.10 0.17 28.50
C ILE A 365 -6.78 1.54 28.42
N ARG A 366 -7.71 1.77 29.33
CA ARG A 366 -8.36 3.06 29.51
C ARG A 366 -7.77 3.73 30.74
N LEU A 367 -7.33 4.96 30.60
CA LEU A 367 -6.66 5.69 31.67
C LEU A 367 -7.55 6.84 32.11
N GLU A 368 -7.94 6.82 33.37
CA GLU A 368 -8.86 7.80 33.95
C GLU A 368 -8.08 8.74 34.85
N VAL A 369 -8.23 10.04 34.61
CA VAL A 369 -7.63 11.08 35.42
C VAL A 369 -8.74 11.98 35.91
N GLY A 370 -8.95 12.01 37.22
CA GLY A 370 -9.93 12.89 37.81
C GLY A 370 -9.29 13.97 38.66
N PRO A 371 -10.10 14.93 39.11
CA PRO A 371 -9.55 16.00 39.96
C PRO A 371 -9.00 15.47 41.29
N ARG A 372 -9.78 14.67 42.01
CA ARG A 372 -9.28 14.15 43.29
C ARG A 372 -8.09 13.24 43.10
N ASP A 373 -8.06 12.49 41.99
CA ASP A 373 -6.94 11.61 41.69
C ASP A 373 -5.69 12.41 41.29
N MET A 374 -5.86 13.61 40.74
CA MET A 374 -4.71 14.40 40.28
C MET A 374 -3.86 14.88 41.46
N LYS A 375 -4.49 15.49 42.46
CA LYS A 375 -3.75 15.94 43.64
C LYS A 375 -3.32 14.78 44.52
N SER A 376 -3.99 13.62 44.41
CA SER A 376 -3.60 12.44 45.17
C SER A 376 -2.43 11.70 44.53
N CYS A 377 -1.97 12.15 43.37
CA CYS A 377 -0.85 11.56 42.66
C CYS A 377 -1.12 10.09 42.30
N GLN A 378 -2.27 9.87 41.67
CA GLN A 378 -2.64 8.54 41.20
C GLN A 378 -3.60 8.69 40.03
N PHE A 379 -3.86 7.56 39.37
CA PHE A 379 -4.80 7.50 38.27
C PHE A 379 -5.38 6.10 38.23
N VAL A 380 -6.37 5.92 37.35
CA VAL A 380 -7.08 4.65 37.20
C VAL A 380 -6.73 4.06 35.83
N ALA A 381 -6.43 2.76 35.80
CA ALA A 381 -6.27 2.01 34.56
C ALA A 381 -7.30 0.88 34.52
N VAL A 382 -8.00 0.77 33.38
CA VAL A 382 -9.08 -0.20 33.20
C VAL A 382 -8.72 -1.08 32.01
N ARG A 383 -8.57 -2.38 32.27
CA ARG A 383 -8.22 -3.32 31.22
C ARG A 383 -9.44 -3.70 30.40
N ARG A 384 -9.27 -3.66 29.08
CA ARG A 384 -10.38 -4.00 28.19
C ARG A 384 -10.68 -5.48 28.18
N ASP A 385 -9.66 -6.34 28.29
CA ASP A 385 -9.86 -7.78 28.20
C ASP A 385 -10.64 -8.34 29.37
N THR A 386 -10.45 -7.79 30.58
CA THR A 386 -11.16 -8.28 31.75
C THR A 386 -12.11 -7.27 32.38
N GLY A 387 -11.80 -5.98 32.33
CA GLY A 387 -12.56 -5.00 33.07
C GLY A 387 -11.99 -4.65 34.42
N GLU A 388 -10.80 -5.14 34.74
CA GLU A 388 -10.20 -4.94 36.05
C GLU A 388 -9.69 -3.51 36.19
N LYS A 389 -10.20 -2.78 37.18
CA LYS A 389 -9.75 -1.42 37.46
C LYS A 389 -8.60 -1.45 38.46
N LEU A 390 -7.49 -0.79 38.12
CA LEU A 390 -6.35 -0.68 39.03
C LEU A 390 -5.97 0.78 39.21
N THR A 391 -5.72 1.14 40.47
CA THR A 391 -5.25 2.47 40.83
C THR A 391 -3.73 2.42 40.95
N VAL A 392 -3.05 3.18 40.11
CA VAL A 392 -1.60 3.18 40.02
C VAL A 392 -1.10 4.55 40.44
N ALA A 393 0.11 4.57 41.00
CA ALA A 393 0.73 5.82 41.38
C ALA A 393 1.27 6.57 40.15
N GLU A 394 1.23 7.90 40.23
CA GLU A 394 1.69 8.75 39.14
C GLU A 394 3.14 8.45 38.76
N ASN A 395 3.99 8.13 39.74
CA ASN A 395 5.40 7.91 39.45
C ASN A 395 5.64 6.62 38.67
N GLU A 396 4.85 5.58 38.90
CA GLU A 396 5.07 4.26 38.31
C GLU A 396 4.12 3.98 37.15
N ALA A 397 3.96 4.96 36.25
CA ALA A 397 3.00 4.84 35.15
C ALA A 397 3.62 4.20 33.91
N GLU A 398 4.85 4.61 33.55
CA GLU A 398 5.50 4.07 32.37
C GLU A 398 5.89 2.60 32.56
N THR A 399 6.13 2.17 33.79
CA THR A 399 6.49 0.78 34.06
C THR A 399 5.27 -0.11 34.21
N LYS A 400 4.24 0.35 34.92
CA LYS A 400 3.08 -0.49 35.19
C LYS A 400 2.25 -0.73 33.94
N LEU A 401 2.00 0.34 33.16
CA LEU A 401 1.17 0.21 31.96
C LEU A 401 1.82 -0.69 30.92
N GLN A 402 3.14 -0.63 30.77
CA GLN A 402 3.80 -1.53 29.82
C GLN A 402 3.66 -2.97 30.27
N ALA A 403 3.69 -3.20 31.58
CA ALA A 403 3.48 -4.54 32.10
C ALA A 403 2.05 -5.02 31.88
N ILE A 404 1.08 -4.10 31.96
CA ILE A 404 -0.30 -4.49 31.70
C ILE A 404 -0.50 -4.81 30.23
N LEU A 405 0.03 -3.96 29.34
CA LEU A 405 -0.11 -4.22 27.91
C LEU A 405 0.51 -5.57 27.55
N GLU A 406 1.65 -5.91 28.14
CA GLU A 406 2.28 -7.20 27.84
C GLU A 406 1.42 -8.34 28.37
N ASP A 407 0.90 -8.20 29.58
CA ASP A 407 0.09 -9.27 30.15
C ASP A 407 -1.21 -9.45 29.38
N ILE A 408 -1.79 -8.36 28.86
CA ILE A 408 -3.01 -8.49 28.06
C ILE A 408 -2.74 -9.33 26.81
N GLN A 409 -1.61 -9.07 26.14
CA GLN A 409 -1.27 -9.83 24.95
C GLN A 409 -1.05 -11.30 25.26
N VAL A 410 -0.36 -11.58 26.38
CA VAL A 410 -0.11 -12.96 26.78
C VAL A 410 -1.43 -13.69 27.09
N THR A 411 -2.28 -13.07 27.92
CA THR A 411 -3.50 -13.75 28.33
C THR A 411 -4.51 -13.86 27.19
N LEU A 412 -4.49 -12.92 26.23
CA LEU A 412 -5.31 -13.11 25.02
C LEU A 412 -4.90 -14.37 24.29
N PHE A 413 -3.61 -14.51 24.02
CA PHE A 413 -3.06 -15.72 23.42
C PHE A 413 -3.22 -16.94 24.33
N THR A 414 -3.18 -16.75 25.65
CA THR A 414 -3.26 -17.91 26.53
C THR A 414 -4.68 -18.48 26.55
N ARG A 415 -5.69 -17.62 26.62
CA ARG A 415 -7.06 -18.09 26.55
C ARG A 415 -7.39 -18.68 25.17
N ALA A 416 -6.89 -18.05 24.10
CA ALA A 416 -7.12 -18.60 22.76
C ALA A 416 -6.42 -19.93 22.55
N SER A 417 -5.21 -20.09 23.09
CA SER A 417 -4.52 -21.38 22.96
C SER A 417 -5.23 -22.48 23.73
N GLU A 418 -5.70 -22.20 24.95
CA GLU A 418 -6.43 -23.21 25.70
C GLU A 418 -7.77 -23.51 25.03
N ASP A 419 -8.40 -22.50 24.43
CA ASP A 419 -9.63 -22.74 23.68
C ASP A 419 -9.36 -23.67 22.49
N LEU A 420 -8.23 -23.47 21.79
CA LEU A 420 -7.85 -24.36 20.71
C LEU A 420 -7.52 -25.75 21.22
N LYS A 421 -6.80 -25.84 22.34
CA LYS A 421 -6.44 -27.15 22.88
C LYS A 421 -7.67 -27.99 23.13
N THR A 422 -8.69 -27.42 23.77
CA THR A 422 -9.86 -28.19 24.17
C THR A 422 -10.73 -28.59 22.98
N HIS A 423 -10.66 -27.85 21.87
CA HIS A 423 -11.54 -28.05 20.74
C HIS A 423 -10.86 -28.75 19.56
N MET A 424 -9.64 -29.24 19.74
CA MET A 424 -8.94 -29.97 18.68
C MET A 424 -8.51 -31.32 19.24
N VAL A 425 -9.27 -32.36 18.89
CA VAL A 425 -9.04 -33.71 19.39
C VAL A 425 -8.87 -34.68 18.21
N VAL A 426 -8.68 -35.96 18.53
CA VAL A 426 -8.39 -36.98 17.54
C VAL A 426 -9.45 -38.07 17.62
N ALA A 427 -9.96 -38.49 16.46
CA ALA A 427 -10.91 -39.58 16.36
C ALA A 427 -10.48 -40.51 15.23
N ASN A 428 -10.77 -41.79 15.39
CA ASN A 428 -10.31 -42.82 14.46
C ASN A 428 -11.40 -43.59 13.74
N THR A 429 -12.67 -43.44 14.11
CA THR A 429 -13.78 -44.03 13.38
C THR A 429 -14.62 -42.92 12.74
N MET A 430 -15.44 -43.31 11.77
CA MET A 430 -16.25 -42.32 11.04
C MET A 430 -17.35 -41.73 11.92
N GLU A 431 -17.90 -42.52 12.84
CA GLU A 431 -18.98 -42.03 13.71
C GLU A 431 -18.43 -41.23 14.89
N ASP A 432 -17.31 -41.67 15.47
CA ASP A 432 -16.71 -40.88 16.53
C ASP A 432 -16.18 -39.55 16.01
N PHE A 433 -15.68 -39.55 14.77
CA PHE A 433 -15.39 -38.28 14.11
C PHE A 433 -16.66 -37.45 13.97
N GLN A 434 -17.77 -38.09 13.58
CA GLN A 434 -19.03 -37.38 13.42
C GLN A 434 -19.51 -36.77 14.73
N LYS A 435 -19.49 -37.56 15.82
CA LYS A 435 -19.98 -37.08 17.11
C LYS A 435 -19.19 -35.87 17.60
N ILE A 436 -17.86 -35.92 17.52
CA ILE A 436 -17.03 -34.79 17.92
C ILE A 436 -17.22 -33.60 16.98
N LEU A 437 -17.44 -33.86 15.69
CA LEU A 437 -17.61 -32.75 14.74
C LEU A 437 -18.85 -31.93 15.06
N ASP A 438 -19.95 -32.59 15.43
CA ASP A 438 -21.18 -31.88 15.75
C ASP A 438 -21.19 -31.26 17.15
N SER A 439 -20.13 -31.44 17.94
CA SER A 439 -20.01 -30.77 19.24
C SER A 439 -19.30 -29.43 19.13
N GLY A 440 -18.96 -28.99 17.91
CA GLY A 440 -18.32 -27.71 17.72
C GLY A 440 -16.81 -27.76 17.82
N LYS A 441 -16.22 -28.85 17.34
CA LYS A 441 -14.79 -29.07 17.42
C LYS A 441 -14.26 -29.46 16.05
N ILE A 442 -12.94 -29.37 15.90
CA ILE A 442 -12.22 -29.85 14.72
C ILE A 442 -11.45 -31.11 15.12
N VAL A 443 -11.34 -32.06 14.19
CA VAL A 443 -10.89 -33.41 14.49
C VAL A 443 -9.76 -33.80 13.57
N GLN A 444 -8.76 -34.45 14.14
CA GLN A 444 -7.71 -35.11 13.37
C GLN A 444 -8.08 -36.57 13.20
N ILE A 445 -8.21 -37.01 11.95
CA ILE A 445 -8.62 -38.38 11.64
C ILE A 445 -7.59 -39.03 10.72
N PRO A 446 -7.43 -40.35 10.76
CA PRO A 446 -6.58 -41.03 9.77
C PRO A 446 -7.23 -40.96 8.39
N PHE A 447 -6.50 -40.41 7.43
CA PHE A 447 -7.01 -40.10 6.10
C PHE A 447 -6.20 -40.82 5.04
N CYS A 448 -6.90 -41.44 4.09
CA CYS A 448 -6.25 -42.13 2.98
C CYS A 448 -5.65 -41.17 1.97
N GLY A 449 -5.93 -39.87 2.11
CA GLY A 449 -5.39 -38.83 1.24
C GLY A 449 -6.13 -38.61 -0.07
N GLU A 450 -6.80 -39.62 -0.61
CA GLU A 450 -7.37 -39.50 -1.94
C GLU A 450 -8.49 -38.47 -1.97
N ILE A 451 -8.69 -37.86 -3.15
CA ILE A 451 -9.66 -36.78 -3.29
C ILE A 451 -11.09 -37.29 -3.18
N ASP A 452 -11.36 -38.47 -3.75
CA ASP A 452 -12.74 -38.96 -3.77
C ASP A 452 -13.26 -39.26 -2.38
N CYS A 453 -12.39 -39.68 -1.45
CA CYS A 453 -12.80 -39.92 -0.08
C CYS A 453 -13.11 -38.63 0.67
N GLU A 454 -12.37 -37.55 0.38
CA GLU A 454 -12.65 -36.27 1.03
C GLU A 454 -14.03 -35.74 0.66
N ASP A 455 -14.43 -35.90 -0.61
CA ASP A 455 -15.78 -35.52 -1.01
C ASP A 455 -16.82 -36.35 -0.29
N TRP A 456 -16.54 -37.64 -0.09
CA TRP A 456 -17.43 -38.48 0.70
C TRP A 456 -17.57 -37.94 2.12
N ILE A 457 -16.48 -37.52 2.73
CA ILE A 457 -16.54 -36.94 4.06
C ILE A 457 -17.37 -35.67 4.05
N LYS A 458 -17.19 -34.84 3.01
CA LYS A 458 -17.93 -33.59 2.90
C LYS A 458 -19.42 -33.82 2.82
N LYS A 459 -19.84 -34.87 2.12
CA LYS A 459 -21.28 -35.13 2.01
C LYS A 459 -21.80 -35.91 3.22
N THR A 460 -21.03 -36.91 3.68
CA THR A 460 -21.52 -37.75 4.76
C THR A 460 -21.62 -36.97 6.07
N THR A 461 -20.62 -36.15 6.38
CA THR A 461 -20.69 -35.37 7.61
C THR A 461 -21.84 -34.38 7.56
N ALA A 462 -22.13 -33.83 6.38
CA ALA A 462 -23.29 -32.96 6.25
C ALA A 462 -24.59 -33.77 6.32
N ARG A 463 -24.55 -35.02 5.87
CA ARG A 463 -25.75 -35.86 5.89
C ARG A 463 -26.16 -36.20 7.32
N ASP A 464 -25.23 -36.74 8.10
CA ASP A 464 -25.51 -37.15 9.47
C ASP A 464 -25.09 -36.06 10.46
N GLN A 465 -25.67 -34.88 10.29
CA GLN A 465 -25.36 -33.74 11.13
C GLN A 465 -26.52 -33.48 12.09
N ASP A 466 -26.22 -33.40 13.38
CA ASP A 466 -27.21 -33.07 14.42
C ASP A 466 -26.80 -31.72 15.01
N LEU A 467 -27.39 -30.66 14.49
CA LEU A 467 -27.08 -29.31 14.93
C LEU A 467 -28.23 -28.75 15.74
N GLU A 468 -27.97 -27.61 16.37
CA GLU A 468 -28.99 -26.88 17.09
C GLU A 468 -30.08 -26.40 16.14
N PRO A 469 -31.29 -26.14 16.65
CA PRO A 469 -32.34 -25.56 15.79
C PRO A 469 -31.96 -24.18 15.25
N GLY A 470 -31.59 -24.13 13.97
CA GLY A 470 -31.17 -22.90 13.35
C GLY A 470 -29.85 -23.01 12.60
N ALA A 471 -28.91 -23.75 13.16
CA ALA A 471 -27.61 -23.96 12.51
C ALA A 471 -27.81 -24.69 11.20
N PRO A 472 -27.34 -24.14 10.08
CA PRO A 472 -27.57 -24.78 8.78
C PRO A 472 -26.64 -25.96 8.55
N SER A 473 -26.95 -26.71 7.49
CA SER A 473 -26.19 -27.91 7.16
C SER A 473 -24.81 -27.55 6.63
N MET A 474 -23.76 -28.12 7.24
CA MET A 474 -22.40 -27.84 6.81
C MET A 474 -21.55 -29.07 7.00
N GLY A 475 -20.94 -29.55 5.92
CA GLY A 475 -20.06 -30.71 5.98
C GLY A 475 -18.62 -30.33 6.24
N ALA A 476 -17.89 -31.25 6.86
CA ALA A 476 -16.49 -31.03 7.16
C ALA A 476 -15.64 -31.18 5.91
N LYS A 477 -14.61 -30.35 5.80
CA LYS A 477 -13.65 -30.44 4.71
C LYS A 477 -12.25 -30.56 5.29
N SER A 478 -11.28 -30.83 4.41
CA SER A 478 -9.88 -30.82 4.78
C SER A 478 -9.45 -29.43 5.24
N LEU A 479 -8.58 -29.39 6.25
CA LEU A 479 -7.98 -28.14 6.72
C LEU A 479 -6.46 -28.14 6.51
N CYS A 480 -5.76 -29.11 7.07
CA CYS A 480 -4.35 -29.31 6.78
C CYS A 480 -3.92 -30.67 7.29
N ILE A 481 -2.79 -31.13 6.77
CA ILE A 481 -2.11 -32.30 7.30
C ILE A 481 -1.04 -31.75 8.24
N PRO A 482 -1.24 -31.83 9.55
CA PRO A 482 -0.37 -31.09 10.47
C PRO A 482 1.05 -31.61 10.44
N PHE A 483 2.01 -30.68 10.52
CA PHE A 483 3.41 -31.08 10.57
C PHE A 483 3.70 -31.89 11.83
N LYS A 484 3.00 -31.59 12.92
CA LYS A 484 3.16 -32.29 14.19
C LYS A 484 1.79 -32.73 14.69
N PRO A 485 1.28 -33.85 14.19
CA PRO A 485 -0.08 -34.29 14.57
C PRO A 485 -0.16 -34.68 16.03
N LEU A 486 -1.40 -34.89 16.50
CA LEU A 486 -1.62 -35.19 17.91
C LEU A 486 -1.08 -36.57 18.29
N CYS A 487 -1.34 -37.57 17.45
CA CYS A 487 -0.90 -38.93 17.71
C CYS A 487 -0.21 -39.51 16.48
N GLU A 488 0.75 -40.40 16.75
CA GLU A 488 1.46 -41.10 15.68
C GLU A 488 0.53 -42.14 15.04
N LEU A 489 0.44 -42.12 13.71
CA LEU A 489 -0.44 -43.05 13.00
C LEU A 489 0.07 -44.47 13.18
N GLN A 490 -0.78 -45.34 13.69
CA GLN A 490 -0.39 -46.71 13.95
C GLN A 490 -0.04 -47.41 12.64
N PRO A 491 0.90 -48.34 12.68
CA PRO A 491 1.25 -49.09 11.45
C PRO A 491 0.05 -49.88 10.96
N GLY A 492 -0.19 -49.83 9.65
CA GLY A 492 -1.31 -50.51 9.04
C GLY A 492 -2.67 -49.90 9.28
N ALA A 493 -2.78 -48.84 10.08
CA ALA A 493 -4.07 -48.24 10.37
C ALA A 493 -4.71 -47.70 9.10
N LYS A 494 -6.00 -47.96 8.95
CA LYS A 494 -6.71 -47.62 7.74
C LYS A 494 -7.50 -46.33 7.94
N CYS A 495 -7.87 -45.70 6.83
CA CYS A 495 -8.60 -44.44 6.85
C CYS A 495 -10.00 -44.65 7.42
N VAL A 496 -10.67 -43.52 7.68
CA VAL A 496 -12.02 -43.56 8.25
C VAL A 496 -13.04 -44.16 7.28
N CYS A 497 -12.67 -44.34 6.01
CA CYS A 497 -13.57 -44.98 5.07
C CYS A 497 -13.47 -46.51 5.13
N GLY A 498 -12.31 -47.04 5.52
CA GLY A 498 -12.11 -48.46 5.65
C GLY A 498 -11.69 -49.19 4.38
N LYS A 499 -11.71 -48.51 3.23
CA LYS A 499 -11.40 -49.13 1.95
C LYS A 499 -9.97 -48.94 1.52
N ASN A 500 -9.27 -47.93 2.03
CA ASN A 500 -7.89 -47.66 1.65
C ASN A 500 -7.02 -47.50 2.90
N PRO A 501 -5.76 -47.89 2.80
CA PRO A 501 -4.84 -47.66 3.93
C PRO A 501 -4.63 -46.18 4.18
N ALA A 502 -4.54 -45.82 5.46
CA ALA A 502 -4.36 -44.43 5.85
C ALA A 502 -2.93 -43.98 5.60
N LYS A 503 -2.79 -42.71 5.21
CA LYS A 503 -1.48 -42.15 4.89
C LYS A 503 -0.94 -41.22 5.96
N TYR A 504 -1.81 -40.58 6.73
CA TYR A 504 -1.41 -39.55 7.68
C TYR A 504 -2.64 -39.09 8.44
N TYR A 505 -2.40 -38.43 9.56
CA TYR A 505 -3.48 -37.76 10.27
C TYR A 505 -3.78 -36.43 9.59
N THR A 506 -5.05 -36.20 9.29
CA THR A 506 -5.49 -34.97 8.65
C THR A 506 -6.50 -34.27 9.55
N LEU A 507 -6.31 -32.96 9.72
CA LEU A 507 -7.25 -32.15 10.49
C LEU A 507 -8.43 -31.82 9.61
N PHE A 508 -9.63 -32.17 10.10
CA PHE A 508 -10.89 -31.95 9.41
C PHE A 508 -11.78 -31.06 10.27
N GLY A 509 -12.85 -30.58 9.66
CA GLY A 509 -13.80 -29.76 10.38
C GLY A 509 -14.50 -28.80 9.45
N ARG A 510 -15.57 -28.21 9.97
CA ARG A 510 -16.27 -27.18 9.21
C ARG A 510 -15.42 -25.91 9.18
N SER A 511 -15.45 -25.19 8.05
CA SER A 511 -14.57 -24.05 7.89
C SER A 511 -15.25 -22.91 7.13
N TYR A 512 -14.59 -21.74 7.12
CA TYR A 512 -15.06 -20.56 6.40
C TYR A 512 -14.59 -20.62 4.95
N LEU B 16 24.33 2.39 -22.01
CA LEU B 16 23.31 3.33 -22.50
C LEU B 16 23.54 3.73 -23.97
N GLU B 17 22.47 3.68 -24.76
CA GLU B 17 22.59 3.89 -26.20
C GLU B 17 22.26 5.33 -26.59
N ALA B 18 21.00 5.72 -26.49
CA ALA B 18 20.55 7.00 -27.03
C ALA B 18 21.10 8.16 -26.19
N LYS B 19 20.83 9.38 -26.69
CA LYS B 19 21.22 10.61 -26.03
C LYS B 19 20.00 11.47 -25.77
N LYS B 20 20.03 12.18 -24.64
CA LYS B 20 18.88 12.97 -24.18
C LYS B 20 18.53 14.08 -25.17
N GLU B 21 19.52 14.81 -25.68
CA GLU B 21 19.24 15.95 -26.55
C GLU B 21 18.78 15.52 -27.94
N GLU B 22 19.19 14.34 -28.39
CA GLU B 22 18.79 13.83 -29.70
C GLU B 22 17.38 13.24 -29.65
N ASN B 23 17.30 11.93 -29.39
CA ASN B 23 16.02 11.24 -29.32
C ASN B 23 15.67 11.06 -27.84
N LEU B 24 14.83 11.96 -27.32
CA LEU B 24 14.49 11.93 -25.91
C LEU B 24 13.71 10.67 -25.57
N ALA B 25 12.78 10.26 -26.45
CA ALA B 25 11.92 9.13 -26.16
C ALA B 25 12.72 7.83 -26.03
N ASP B 26 13.71 7.62 -26.90
CA ASP B 26 14.51 6.41 -26.84
C ASP B 26 15.53 6.45 -25.72
N TRP B 27 16.04 7.64 -25.40
CA TRP B 27 16.88 7.78 -24.23
C TRP B 27 16.09 7.49 -22.96
N TYR B 28 14.81 7.88 -22.93
CA TYR B 28 13.97 7.65 -21.76
C TYR B 28 13.64 6.17 -21.60
N SER B 29 13.28 5.50 -22.70
CA SER B 29 12.99 4.07 -22.64
C SER B 29 14.23 3.26 -22.27
N GLN B 30 15.41 3.72 -22.69
CA GLN B 30 16.64 3.03 -22.35
C GLN B 30 16.99 3.16 -20.86
N VAL B 31 16.83 4.36 -20.30
CA VAL B 31 17.27 4.56 -18.91
C VAL B 31 16.28 3.99 -17.88
N ILE B 32 14.98 3.96 -18.16
CA ILE B 32 14.07 3.35 -17.18
C ILE B 32 14.23 1.83 -17.15
N THR B 33 14.65 1.20 -18.25
CA THR B 33 14.77 -0.26 -18.22
C THR B 33 16.14 -0.71 -17.71
N LYS B 34 17.19 0.01 -18.09
CA LYS B 34 18.54 -0.33 -17.68
C LYS B 34 18.88 0.14 -16.26
N SER B 35 18.17 1.13 -15.74
CA SER B 35 18.22 1.38 -14.31
C SER B 35 17.38 0.38 -13.54
N GLU B 36 16.72 -0.54 -14.25
CA GLU B 36 15.92 -1.59 -13.63
C GLU B 36 14.75 -1.01 -12.86
N MET B 37 14.16 0.05 -13.42
CA MET B 37 12.97 0.68 -12.85
C MET B 37 11.68 0.14 -13.47
N ILE B 38 11.65 0.03 -14.80
CA ILE B 38 10.45 -0.28 -15.55
C ILE B 38 10.66 -1.58 -16.31
N GLU B 39 9.63 -2.42 -16.32
CA GLU B 39 9.52 -3.52 -17.25
C GLU B 39 8.20 -3.39 -17.99
N TYR B 40 8.19 -3.75 -19.26
CA TYR B 40 7.02 -3.61 -20.10
C TYR B 40 6.06 -4.79 -19.94
N HIS B 41 4.82 -4.58 -20.36
CA HIS B 41 3.70 -5.48 -20.13
C HIS B 41 2.89 -5.61 -21.43
N ASP B 42 2.28 -6.79 -21.62
CA ASP B 42 1.53 -7.03 -22.86
C ASP B 42 0.18 -6.33 -22.92
N ILE B 43 -0.11 -5.49 -21.93
CA ILE B 43 -1.29 -4.63 -21.92
C ILE B 43 -0.80 -3.20 -22.11
N SER B 44 -1.25 -2.57 -23.19
CA SER B 44 -0.82 -1.21 -23.48
C SER B 44 -1.11 -0.27 -22.32
N GLY B 45 -0.12 0.55 -21.95
CA GLY B 45 -0.27 1.56 -20.94
C GLY B 45 0.00 1.12 -19.52
N CYS B 46 0.39 -0.13 -19.31
CA CYS B 46 0.64 -0.68 -17.99
C CYS B 46 2.10 -1.06 -17.91
N TYR B 47 2.79 -0.57 -16.88
CA TYR B 47 4.24 -0.80 -16.77
C TYR B 47 4.55 -1.38 -15.40
N ILE B 48 5.52 -2.28 -15.36
CA ILE B 48 5.95 -2.90 -14.11
C ILE B 48 6.88 -1.94 -13.38
N LEU B 49 6.55 -1.65 -12.13
CA LEU B 49 7.46 -0.93 -11.23
C LEU B 49 8.36 -1.93 -10.51
N ARG B 50 9.62 -2.04 -10.94
CA ARG B 50 10.58 -2.91 -10.28
C ARG B 50 11.06 -2.26 -8.99
N PRO B 51 11.69 -3.04 -8.09
CA PRO B 51 12.02 -2.49 -6.76
C PRO B 51 12.77 -1.17 -6.79
N TRP B 52 13.62 -0.95 -7.81
CA TRP B 52 14.43 0.27 -7.84
C TRP B 52 13.55 1.50 -7.96
N ALA B 53 12.51 1.41 -8.78
CA ALA B 53 11.53 2.48 -8.91
C ALA B 53 10.59 2.55 -7.72
N TYR B 54 10.14 1.39 -7.22
CA TYR B 54 9.19 1.40 -6.12
C TYR B 54 9.79 2.02 -4.87
N ALA B 55 11.09 1.83 -4.65
CA ALA B 55 11.73 2.42 -3.48
C ALA B 55 11.69 3.94 -3.52
N ILE B 56 11.68 4.53 -4.72
CA ILE B 56 11.52 5.98 -4.79
C ILE B 56 10.11 6.37 -4.33
N TRP B 57 9.10 5.63 -4.79
CA TRP B 57 7.72 5.92 -4.40
C TRP B 57 7.52 5.70 -2.90
N GLU B 58 8.24 4.75 -2.32
CA GLU B 58 8.18 4.54 -0.89
C GLU B 58 8.82 5.71 -0.13
N ALA B 59 9.93 6.27 -0.62
CA ALA B 59 10.52 7.42 0.06
C ALA B 59 9.60 8.63 -0.01
N ILE B 60 8.94 8.81 -1.16
CA ILE B 60 7.93 9.85 -1.27
C ILE B 60 6.80 9.58 -0.28
N LYS B 61 6.31 8.35 -0.26
CA LYS B 61 5.18 8.00 0.60
C LYS B 61 5.53 8.22 2.06
N ASP B 62 6.74 7.85 2.47
CA ASP B 62 7.13 8.01 3.86
C ASP B 62 7.15 9.48 4.26
N PHE B 63 7.62 10.34 3.36
CA PHE B 63 7.61 11.77 3.65
C PHE B 63 6.20 12.31 3.72
N PHE B 64 5.39 12.06 2.69
CA PHE B 64 4.08 12.67 2.59
C PHE B 64 3.12 12.10 3.63
N ASP B 65 3.19 10.80 3.90
CA ASP B 65 2.33 10.22 4.92
C ASP B 65 2.58 10.84 6.28
N ALA B 66 3.85 11.08 6.60
CA ALA B 66 4.19 11.72 7.86
C ALA B 66 3.68 13.16 7.94
N GLU B 67 3.65 13.89 6.82
CA GLU B 67 3.29 15.29 6.90
C GLU B 67 1.78 15.49 7.04
N ILE B 68 0.98 14.66 6.34
CA ILE B 68 -0.46 14.83 6.39
C ILE B 68 -1.05 14.31 7.70
N LYS B 69 -0.40 13.35 8.34
CA LYS B 69 -0.94 12.89 9.61
C LYS B 69 -0.72 13.92 10.71
N LYS B 70 0.22 14.86 10.54
CA LYS B 70 0.30 16.00 11.44
C LYS B 70 -0.92 16.90 11.33
N LEU B 71 -1.58 16.89 10.18
CA LEU B 71 -2.75 17.70 9.88
C LEU B 71 -4.07 17.03 10.27
N GLY B 72 -4.03 15.85 10.88
CA GLY B 72 -5.23 15.14 11.25
C GLY B 72 -5.80 14.17 10.22
N VAL B 73 -5.11 13.95 9.08
CA VAL B 73 -5.56 13.01 8.06
C VAL B 73 -5.18 11.59 8.47
N GLU B 74 -6.09 10.64 8.27
CA GLU B 74 -5.86 9.23 8.56
C GLU B 74 -5.92 8.40 7.28
N ASN B 75 -5.20 7.29 7.29
CA ASN B 75 -5.20 6.41 6.13
C ASN B 75 -6.26 5.32 6.24
N CYS B 76 -6.80 4.96 5.07
CA CYS B 76 -7.90 4.02 4.93
C CYS B 76 -7.77 3.36 3.57
N TYR B 77 -8.77 2.56 3.21
CA TYR B 77 -8.84 2.00 1.87
C TYR B 77 -10.30 1.75 1.52
N PHE B 78 -10.80 2.43 0.45
CA PHE B 78 -12.15 2.32 -0.10
C PHE B 78 -12.16 1.36 -1.29
N PRO B 79 -13.33 0.85 -1.68
CA PRO B 79 -13.36 -0.16 -2.76
C PRO B 79 -12.97 0.42 -4.11
N MET B 80 -12.51 -0.48 -4.99
CA MET B 80 -12.13 -0.10 -6.34
C MET B 80 -13.33 0.00 -7.27
N PHE B 81 -14.40 -0.72 -6.98
CA PHE B 81 -15.54 -0.80 -7.89
C PHE B 81 -16.56 0.29 -7.56
N VAL B 82 -17.03 0.98 -8.58
CA VAL B 82 -18.05 2.01 -8.45
C VAL B 82 -19.33 1.53 -9.11
N SER B 83 -20.44 1.72 -8.42
CA SER B 83 -21.73 1.43 -9.04
C SER B 83 -22.05 2.47 -10.11
N GLN B 84 -22.90 2.07 -11.05
CA GLN B 84 -23.31 2.99 -12.10
C GLN B 84 -24.13 4.15 -11.55
N SER B 85 -25.00 3.89 -10.56
CA SER B 85 -25.80 4.98 -9.99
C SER B 85 -24.91 5.99 -9.29
N ALA B 86 -23.94 5.53 -8.50
CA ALA B 86 -23.04 6.44 -7.80
C ALA B 86 -22.22 7.27 -8.78
N LEU B 87 -21.77 6.68 -9.88
CA LEU B 87 -20.91 7.40 -10.81
C LEU B 87 -21.63 8.62 -11.40
N GLU B 88 -22.91 8.46 -11.77
CA GLU B 88 -23.68 9.52 -12.41
C GLU B 88 -24.37 10.43 -11.40
N LYS B 89 -23.89 10.45 -10.16
CA LYS B 89 -24.56 11.24 -9.12
C LYS B 89 -24.40 12.73 -9.39
N GLU B 90 -23.15 13.19 -9.55
CA GLU B 90 -22.89 14.52 -10.07
C GLU B 90 -22.61 14.44 -11.56
N LYS B 91 -23.17 15.38 -12.31
CA LYS B 91 -23.19 15.33 -13.77
C LYS B 91 -21.95 15.93 -14.42
N THR B 92 -21.28 16.87 -13.76
CA THR B 92 -20.11 17.49 -14.38
C THR B 92 -18.88 16.61 -14.19
N HIS B 93 -18.77 15.98 -13.03
CA HIS B 93 -17.66 15.08 -12.74
C HIS B 93 -17.69 13.86 -13.65
N VAL B 94 -18.87 13.23 -13.74
CA VAL B 94 -19.04 12.07 -14.60
C VAL B 94 -18.94 12.43 -16.08
N ALA B 95 -19.08 13.72 -16.43
CA ALA B 95 -19.02 14.12 -17.83
C ALA B 95 -17.60 14.01 -18.37
N ASP B 96 -16.60 14.49 -17.60
CA ASP B 96 -15.23 14.47 -18.09
C ASP B 96 -14.64 13.07 -18.02
N PHE B 97 -14.92 12.33 -16.94
CA PHE B 97 -14.32 11.02 -16.71
C PHE B 97 -15.02 9.89 -17.45
N ALA B 98 -16.21 10.10 -18.02
CA ALA B 98 -16.91 9.02 -18.70
C ALA B 98 -16.08 8.29 -19.75
N PRO B 99 -15.36 8.96 -20.67
CA PRO B 99 -14.69 8.20 -21.74
C PRO B 99 -13.56 7.31 -21.26
N GLU B 100 -12.95 7.59 -20.11
CA GLU B 100 -11.77 6.84 -19.69
C GLU B 100 -12.06 5.87 -18.54
N VAL B 101 -13.33 5.58 -18.28
CA VAL B 101 -13.71 4.60 -17.25
C VAL B 101 -13.75 3.21 -17.86
N ALA B 102 -12.93 2.31 -17.31
CA ALA B 102 -12.97 0.90 -17.69
C ALA B 102 -14.07 0.19 -16.91
N TRP B 103 -14.88 -0.61 -17.62
CA TRP B 103 -16.06 -1.25 -17.05
C TRP B 103 -15.89 -2.76 -17.01
N VAL B 104 -16.24 -3.35 -15.88
CA VAL B 104 -16.31 -4.78 -15.71
C VAL B 104 -17.74 -5.22 -16.01
N THR B 105 -17.89 -6.19 -16.91
CA THR B 105 -19.21 -6.65 -17.28
C THR B 105 -19.41 -8.13 -17.06
N ARG B 106 -18.38 -8.88 -16.70
CA ARG B 106 -18.47 -10.34 -16.65
C ARG B 106 -17.66 -10.89 -15.50
N SER B 107 -18.20 -11.93 -14.88
CA SER B 107 -17.49 -12.74 -13.88
C SER B 107 -17.26 -14.12 -14.49
N GLY B 108 -16.03 -14.36 -14.95
CA GLY B 108 -15.81 -15.57 -15.71
C GLY B 108 -16.57 -15.50 -17.01
N LYS B 109 -17.57 -16.37 -17.18
CA LYS B 109 -18.42 -16.39 -18.37
C LYS B 109 -19.82 -15.85 -18.12
N THR B 110 -20.15 -15.47 -16.89
CA THR B 110 -21.49 -15.00 -16.54
C THR B 110 -21.50 -13.48 -16.53
N GLU B 111 -22.43 -12.89 -17.26
CA GLU B 111 -22.51 -11.44 -17.36
C GLU B 111 -23.23 -10.86 -16.15
N LEU B 112 -22.64 -9.83 -15.54
CA LEU B 112 -23.27 -9.16 -14.42
C LEU B 112 -24.58 -8.50 -14.85
N ALA B 113 -25.51 -8.38 -13.89
CA ALA B 113 -26.80 -7.77 -14.18
C ALA B 113 -26.63 -6.31 -14.56
N GLU B 114 -25.68 -5.63 -13.94
CA GLU B 114 -25.30 -4.27 -14.23
C GLU B 114 -23.79 -4.18 -14.27
N PRO B 115 -23.22 -3.44 -15.21
CA PRO B 115 -21.76 -3.28 -15.24
C PRO B 115 -21.29 -2.37 -14.12
N ILE B 116 -20.10 -2.66 -13.61
CA ILE B 116 -19.48 -1.88 -12.55
C ILE B 116 -18.17 -1.31 -13.07
N ALA B 117 -17.76 -0.19 -12.49
CA ALA B 117 -16.68 0.62 -13.01
C ALA B 117 -15.46 0.54 -12.10
N ILE B 118 -14.28 0.50 -12.71
CA ILE B 118 -13.04 0.63 -11.97
C ILE B 118 -12.81 2.11 -11.68
N ARG B 119 -12.49 2.44 -10.44
CA ARG B 119 -12.32 3.83 -10.04
C ARG B 119 -11.26 4.53 -10.89
N PRO B 120 -11.58 5.68 -11.51
CA PRO B 120 -10.54 6.61 -11.96
C PRO B 120 -10.18 7.63 -10.90
N THR B 121 -10.96 7.67 -9.84
CA THR B 121 -10.88 8.59 -8.71
C THR B 121 -12.05 8.20 -7.81
N SER B 122 -11.94 8.52 -6.52
CA SER B 122 -12.81 7.90 -5.53
C SER B 122 -13.82 8.88 -4.90
N GLU B 123 -14.05 10.04 -5.54
CA GLU B 123 -15.02 10.99 -5.01
C GLU B 123 -16.39 10.33 -4.85
N THR B 124 -16.87 9.68 -5.91
CA THR B 124 -18.15 8.99 -5.96
C THR B 124 -18.18 7.68 -5.19
N VAL B 125 -17.04 7.19 -4.69
CA VAL B 125 -17.00 5.97 -3.88
C VAL B 125 -17.06 6.29 -2.39
N MET B 126 -16.37 7.35 -1.97
CA MET B 126 -16.22 7.70 -0.56
C MET B 126 -17.38 8.51 0.00
N TYR B 127 -17.91 9.43 -0.79
CA TYR B 127 -18.83 10.46 -0.32
C TYR B 127 -20.20 9.90 0.09
N PRO B 128 -20.72 8.83 -0.55
CA PRO B 128 -21.89 8.18 0.07
C PRO B 128 -21.63 7.73 1.51
N ALA B 129 -20.40 7.32 1.84
CA ALA B 129 -20.10 7.01 3.24
C ALA B 129 -19.92 8.27 4.08
N TYR B 130 -19.40 9.35 3.49
CA TYR B 130 -19.35 10.62 4.21
C TYR B 130 -20.75 11.06 4.63
N ALA B 131 -21.75 10.85 3.77
CA ALA B 131 -23.11 11.22 4.12
C ALA B 131 -23.62 10.43 5.32
N LYS B 132 -23.22 9.17 5.46
CA LYS B 132 -23.67 8.37 6.58
C LYS B 132 -22.95 8.77 7.86
N TRP B 133 -21.69 9.16 7.74
CA TRP B 133 -20.86 9.47 8.89
C TRP B 133 -21.11 10.87 9.44
N VAL B 134 -21.69 11.76 8.63
CA VAL B 134 -21.97 13.14 9.05
C VAL B 134 -23.46 13.22 9.38
N GLN B 135 -23.77 13.09 10.66
CA GLN B 135 -25.11 13.28 11.18
C GLN B 135 -25.25 14.56 11.99
N SER B 136 -24.28 14.85 12.84
CA SER B 136 -24.25 16.04 13.68
C SER B 136 -23.16 17.00 13.17
N HIS B 137 -23.07 18.15 13.85
CA HIS B 137 -21.97 19.06 13.59
C HIS B 137 -20.65 18.52 14.12
N ARG B 138 -20.72 17.63 15.10
CA ARG B 138 -19.52 17.09 15.75
C ARG B 138 -18.80 16.07 14.90
N ASP B 139 -19.43 15.57 13.83
CA ASP B 139 -18.82 14.57 12.96
C ASP B 139 -17.85 15.17 11.93
N LEU B 140 -17.86 16.50 11.75
CA LEU B 140 -16.91 17.20 10.89
C LEU B 140 -15.82 17.85 11.74
N PRO B 141 -14.59 17.99 11.23
CA PRO B 141 -14.18 17.60 9.88
C PRO B 141 -13.85 16.11 9.74
N ILE B 142 -13.96 15.64 8.50
CA ILE B 142 -13.56 14.28 8.11
C ILE B 142 -12.35 14.42 7.18
N LYS B 143 -11.25 13.77 7.53
CA LYS B 143 -10.02 13.86 6.75
C LYS B 143 -9.48 12.46 6.49
N LEU B 144 -9.61 11.98 5.24
CA LEU B 144 -9.25 10.63 4.86
C LEU B 144 -8.30 10.62 3.68
N ASN B 145 -7.36 9.65 3.67
CA ASN B 145 -6.39 9.48 2.59
C ASN B 145 -6.18 7.99 2.31
N GLN B 146 -6.01 7.65 1.04
CA GLN B 146 -5.67 6.27 0.74
C GLN B 146 -4.60 6.20 -0.34
N TRP B 147 -3.72 5.21 -0.19
CA TRP B 147 -2.69 4.88 -1.18
C TRP B 147 -3.14 3.66 -1.97
N CYS B 148 -3.33 3.83 -3.27
CA CYS B 148 -3.98 2.77 -4.03
C CYS B 148 -3.69 2.98 -5.51
N ASN B 149 -4.18 2.03 -6.32
CA ASN B 149 -4.09 2.11 -7.77
C ASN B 149 -5.37 2.69 -8.36
N VAL B 150 -5.23 3.32 -9.52
CA VAL B 150 -6.36 3.93 -10.22
C VAL B 150 -6.18 3.70 -11.72
N VAL B 151 -7.30 3.59 -12.44
CA VAL B 151 -7.31 3.33 -13.88
C VAL B 151 -8.00 4.48 -14.61
N ARG B 152 -7.28 5.09 -15.53
CA ARG B 152 -7.84 6.05 -16.49
C ARG B 152 -7.47 5.61 -17.89
N TRP B 153 -8.41 5.00 -18.59
CA TRP B 153 -8.15 4.42 -19.90
C TRP B 153 -7.95 5.51 -20.95
N GLU B 154 -6.72 5.99 -21.12
CA GLU B 154 -6.42 7.07 -22.05
C GLU B 154 -5.93 6.48 -23.36
N PHE B 155 -6.58 6.85 -24.47
CA PHE B 155 -6.20 6.34 -25.79
C PHE B 155 -5.12 7.18 -26.46
N LYS B 156 -4.59 8.20 -25.78
CA LYS B 156 -3.36 8.86 -26.21
C LYS B 156 -2.17 7.94 -25.97
N HIS B 157 -1.07 8.21 -26.66
CA HIS B 157 0.08 7.32 -26.58
C HIS B 157 0.64 7.33 -25.16
N PRO B 158 0.67 6.19 -24.48
CA PRO B 158 1.16 6.17 -23.10
C PRO B 158 2.68 6.30 -23.05
N GLN B 159 3.15 6.77 -21.89
CA GLN B 159 4.57 6.92 -21.62
C GLN B 159 4.77 6.54 -20.16
N PRO B 160 5.78 5.72 -19.86
CA PRO B 160 5.99 5.26 -18.48
C PRO B 160 6.12 6.39 -17.48
N PHE B 161 5.55 6.16 -16.28
CA PHE B 161 5.49 7.11 -15.18
C PHE B 161 4.61 8.31 -15.49
N LEU B 162 4.90 8.95 -16.64
CA LEU B 162 4.31 10.25 -16.94
C LEU B 162 2.81 10.13 -17.22
N ARG B 163 2.42 9.11 -17.99
CA ARG B 163 1.05 9.00 -18.46
C ARG B 163 0.76 7.53 -18.79
N THR B 164 0.22 6.81 -17.80
CA THR B 164 0.00 5.38 -17.89
C THR B 164 -1.49 5.08 -17.73
N ARG B 165 -1.88 3.88 -18.17
CA ARG B 165 -3.27 3.45 -18.07
C ARG B 165 -3.63 3.15 -16.61
N GLU B 166 -2.68 2.67 -15.83
CA GLU B 166 -2.85 2.42 -14.41
C GLU B 166 -1.65 3.03 -13.69
N PHE B 167 -1.91 3.73 -12.59
CA PHE B 167 -0.80 4.28 -11.83
C PHE B 167 -1.14 4.20 -10.34
N LEU B 168 -0.10 4.32 -9.53
CA LEU B 168 -0.26 4.44 -8.11
C LEU B 168 -0.38 5.91 -7.75
N TRP B 169 -1.12 6.17 -6.66
CA TRP B 169 -1.22 7.54 -6.14
C TRP B 169 -1.69 7.50 -4.69
N GLN B 170 -1.74 8.67 -4.08
CA GLN B 170 -2.55 8.91 -2.90
C GLN B 170 -3.64 9.90 -3.31
N GLU B 171 -4.82 9.74 -2.74
CA GLU B 171 -5.89 10.70 -2.95
C GLU B 171 -6.44 11.03 -1.58
N GLY B 172 -6.41 12.32 -1.24
CA GLY B 172 -6.93 12.80 0.04
C GLY B 172 -8.24 13.53 -0.18
N HIS B 173 -9.23 13.17 0.63
CA HIS B 173 -10.56 13.78 0.58
C HIS B 173 -10.90 14.30 1.97
N SER B 174 -11.21 15.60 2.07
CA SER B 174 -11.54 16.24 3.33
C SER B 174 -12.90 16.94 3.25
N ALA B 175 -13.61 16.94 4.38
CA ALA B 175 -14.92 17.59 4.51
C ALA B 175 -14.92 18.52 5.71
N PHE B 176 -15.38 19.76 5.52
CA PHE B 176 -15.34 20.77 6.57
C PHE B 176 -16.68 21.48 6.68
N ALA B 177 -16.95 22.01 7.88
CA ALA B 177 -18.17 22.77 8.11
C ALA B 177 -18.12 24.15 7.47
N THR B 178 -16.93 24.76 7.45
CA THR B 178 -16.74 26.11 6.95
C THR B 178 -15.88 26.10 5.70
N MET B 179 -15.93 27.20 4.97
CA MET B 179 -15.13 27.35 3.76
C MET B 179 -13.72 27.82 4.08
N GLU B 180 -13.56 28.57 5.18
CA GLU B 180 -12.22 29.02 5.55
C GLU B 180 -11.34 27.83 5.91
N GLU B 181 -11.93 26.78 6.48
CA GLU B 181 -11.19 25.55 6.76
C GLU B 181 -10.72 24.87 5.47
N ALA B 182 -11.64 24.58 4.54
CA ALA B 182 -11.21 23.94 3.31
C ALA B 182 -10.21 24.80 2.56
N ALA B 183 -10.40 26.12 2.54
CA ALA B 183 -9.45 26.95 1.83
C ALA B 183 -8.06 26.84 2.41
N GLU B 184 -7.96 26.65 3.73
CA GLU B 184 -6.64 26.56 4.36
C GLU B 184 -5.94 25.26 3.96
N GLU B 185 -6.67 24.14 3.96
CA GLU B 185 -6.05 22.86 3.64
C GLU B 185 -5.59 22.78 2.19
N VAL B 186 -6.37 23.33 1.26
CA VAL B 186 -6.00 23.30 -0.16
C VAL B 186 -4.59 23.83 -0.37
N LEU B 187 -4.29 24.99 0.24
CA LEU B 187 -2.95 25.56 0.14
C LEU B 187 -1.92 24.78 0.94
N GLN B 188 -2.33 24.17 2.04
CA GLN B 188 -1.39 23.40 2.85
C GLN B 188 -0.91 22.14 2.12
N ILE B 189 -1.85 21.42 1.50
CA ILE B 189 -1.50 20.25 0.69
C ILE B 189 -0.65 20.65 -0.51
N LEU B 190 -0.99 21.76 -1.17
CA LEU B 190 -0.21 22.16 -2.33
C LEU B 190 1.23 22.44 -1.94
N ASP B 191 1.45 23.13 -0.82
CA ASP B 191 2.81 23.33 -0.32
C ASP B 191 3.50 22.01 0.00
N LEU B 192 2.76 21.01 0.48
CA LEU B 192 3.39 19.70 0.70
C LEU B 192 3.80 19.05 -0.62
N TYR B 193 2.97 19.22 -1.67
CA TYR B 193 3.38 18.71 -2.98
C TYR B 193 4.62 19.43 -3.49
N ALA B 194 4.77 20.72 -3.19
CA ALA B 194 5.97 21.41 -3.64
C ALA B 194 7.18 20.92 -2.88
N GLN B 195 7.03 20.59 -1.59
CA GLN B 195 8.16 20.01 -0.87
C GLN B 195 8.58 18.67 -1.46
N VAL B 196 7.60 17.87 -1.90
CA VAL B 196 7.92 16.58 -2.51
C VAL B 196 8.77 16.77 -3.75
N TYR B 197 8.46 17.79 -4.54
CA TYR B 197 9.19 17.99 -5.77
C TYR B 197 10.50 18.73 -5.55
N GLU B 198 10.51 19.67 -4.61
CA GLU B 198 11.68 20.54 -4.46
C GLU B 198 12.64 20.05 -3.39
N GLU B 199 12.13 19.65 -2.24
CA GLU B 199 12.99 19.21 -1.16
C GLU B 199 13.44 17.76 -1.31
N LEU B 200 12.66 16.95 -2.03
CA LEU B 200 13.00 15.54 -2.24
C LEU B 200 13.58 15.31 -3.63
N LEU B 201 12.81 15.62 -4.67
CA LEU B 201 13.17 15.31 -6.04
C LEU B 201 14.06 16.38 -6.67
N ALA B 202 14.38 17.46 -5.94
CA ALA B 202 15.18 18.57 -6.44
C ALA B 202 14.64 19.11 -7.76
N ILE B 203 13.31 19.27 -7.84
CA ILE B 203 12.66 19.78 -9.03
C ILE B 203 11.91 21.06 -8.69
N PRO B 204 12.33 22.23 -9.18
CA PRO B 204 11.58 23.46 -8.92
C PRO B 204 10.21 23.39 -9.61
N VAL B 205 9.21 24.00 -8.96
CA VAL B 205 7.85 23.97 -9.47
C VAL B 205 7.25 25.36 -9.38
N VAL B 206 6.18 25.56 -10.15
CA VAL B 206 5.45 26.82 -10.20
C VAL B 206 4.06 26.55 -9.64
N LYS B 207 3.68 27.29 -8.61
CA LYS B 207 2.38 27.07 -7.98
C LYS B 207 1.36 28.03 -8.56
N GLY B 208 0.22 27.51 -8.96
CA GLY B 208 -0.80 28.39 -9.49
C GLY B 208 -2.19 27.78 -9.42
N ARG B 209 -3.10 28.43 -10.13
CA ARG B 209 -4.51 28.07 -10.15
C ARG B 209 -4.90 27.73 -11.58
N LYS B 210 -5.61 26.62 -11.75
CA LYS B 210 -6.08 26.21 -13.07
C LYS B 210 -7.14 27.16 -13.59
N THR B 211 -7.20 27.28 -14.92
CA THR B 211 -8.22 28.10 -15.58
C THR B 211 -9.56 27.37 -15.59
N GLU B 212 -10.61 28.09 -16.00
CA GLU B 212 -11.94 27.51 -16.06
C GLU B 212 -11.99 26.29 -16.97
N LYS B 213 -11.12 26.25 -17.99
CA LYS B 213 -11.12 25.15 -18.96
C LYS B 213 -10.48 23.90 -18.38
N GLU B 214 -9.39 24.07 -17.64
CA GLU B 214 -8.61 22.95 -17.12
C GLU B 214 -8.87 22.67 -15.64
N LYS B 215 -9.80 23.37 -15.01
CA LYS B 215 -10.10 23.08 -13.62
C LYS B 215 -10.81 21.74 -13.50
N PHE B 216 -10.70 21.12 -12.32
CA PHE B 216 -11.30 19.82 -12.06
C PHE B 216 -12.81 19.88 -12.27
N ALA B 217 -13.34 18.99 -13.11
CA ALA B 217 -14.77 18.95 -13.38
C ALA B 217 -15.50 18.48 -12.14
N GLY B 218 -16.34 19.35 -11.58
CA GLY B 218 -17.02 19.10 -10.32
C GLY B 218 -16.51 19.88 -9.12
N GLY B 219 -15.42 20.64 -9.26
CA GLY B 219 -14.94 21.52 -8.22
C GLY B 219 -15.18 22.99 -8.54
N ASP B 220 -14.69 23.86 -7.64
CA ASP B 220 -14.78 25.32 -7.79
C ASP B 220 -13.49 25.94 -8.34
N TYR B 221 -12.34 25.51 -7.81
CA TYR B 221 -11.05 25.92 -8.33
C TYR B 221 -10.05 24.80 -8.06
N THR B 222 -8.97 24.79 -8.86
CA THR B 222 -7.96 23.75 -8.82
C THR B 222 -6.59 24.39 -8.71
N THR B 223 -5.93 24.20 -7.57
CA THR B 223 -4.55 24.63 -7.43
C THR B 223 -3.63 23.51 -7.89
N THR B 224 -2.44 23.90 -8.34
CA THR B 224 -1.57 22.94 -9.00
C THR B 224 -0.14 23.42 -8.90
N ILE B 225 0.79 22.50 -9.14
CA ILE B 225 2.21 22.79 -9.29
C ILE B 225 2.64 22.25 -10.64
N GLU B 226 3.36 23.07 -11.40
CA GLU B 226 3.80 22.76 -12.75
C GLU B 226 5.31 22.67 -12.78
N ALA B 227 5.83 21.64 -13.46
CA ALA B 227 7.26 21.40 -13.63
C ALA B 227 7.63 21.49 -15.11
N PHE B 228 8.88 21.83 -15.38
CA PHE B 228 9.35 22.06 -16.74
C PHE B 228 10.41 21.03 -17.11
N ILE B 229 10.25 20.42 -18.28
CA ILE B 229 11.17 19.41 -18.81
C ILE B 229 11.95 20.03 -19.96
N SER B 230 13.22 20.40 -19.71
CA SER B 230 13.97 21.20 -20.67
C SER B 230 14.25 20.43 -21.95
N ALA B 231 14.54 19.12 -21.84
CA ALA B 231 14.92 18.33 -23.01
C ALA B 231 13.84 18.35 -24.08
N SER B 232 12.57 18.39 -23.68
CA SER B 232 11.44 18.42 -24.60
C SER B 232 10.78 19.80 -24.68
N GLY B 233 11.18 20.75 -23.85
CA GLY B 233 10.52 22.03 -23.76
C GLY B 233 9.08 22.00 -23.29
N ARG B 234 8.56 20.85 -22.87
CA ARG B 234 7.17 20.73 -22.46
C ARG B 234 7.04 20.73 -20.95
N ALA B 235 5.94 21.32 -20.47
CA ALA B 235 5.66 21.33 -19.04
C ALA B 235 4.76 20.16 -18.65
N ILE B 236 4.69 19.89 -17.34
CA ILE B 236 3.93 18.75 -16.85
C ILE B 236 3.47 19.02 -15.42
N GLN B 237 2.22 18.67 -15.13
CA GLN B 237 1.62 18.92 -13.82
C GLN B 237 2.14 17.92 -12.78
N GLY B 238 2.50 18.44 -11.61
CA GLY B 238 3.08 17.61 -10.56
C GLY B 238 2.09 17.10 -9.53
N GLY B 239 1.18 17.96 -9.12
CA GLY B 239 0.18 17.65 -8.10
C GLY B 239 -1.01 18.56 -8.26
N THR B 240 -2.13 18.16 -7.67
CA THR B 240 -3.34 18.98 -7.70
C THR B 240 -4.00 18.97 -6.33
N SER B 241 -4.46 20.13 -5.91
CA SER B 241 -5.24 20.28 -4.67
C SER B 241 -6.52 21.02 -5.04
N HIS B 242 -7.65 20.30 -5.09
CA HIS B 242 -8.90 20.91 -5.54
C HIS B 242 -9.74 21.34 -4.36
N HIS B 243 -10.47 22.43 -4.55
CA HIS B 243 -11.52 22.84 -3.64
C HIS B 243 -12.85 22.49 -4.31
N LEU B 244 -13.45 21.38 -3.88
CA LEU B 244 -14.74 20.96 -4.42
C LEU B 244 -15.89 21.82 -3.90
N GLY B 245 -15.66 22.59 -2.84
CA GLY B 245 -16.72 23.39 -2.28
C GLY B 245 -17.90 22.52 -1.87
N GLN B 246 -19.09 22.93 -2.28
CA GLN B 246 -20.32 22.20 -1.97
C GLN B 246 -20.85 21.41 -3.15
N ASN B 247 -20.10 21.31 -4.24
CA ASN B 247 -20.64 20.70 -5.44
C ASN B 247 -20.95 19.22 -5.21
N PHE B 248 -20.11 18.53 -4.46
CA PHE B 248 -20.34 17.10 -4.25
C PHE B 248 -21.27 16.84 -3.06
N SER B 249 -21.06 17.59 -1.96
CA SER B 249 -21.91 17.42 -0.79
C SER B 249 -23.38 17.71 -1.09
N LYS B 250 -23.67 18.48 -2.15
CA LYS B 250 -25.07 18.71 -2.50
C LYS B 250 -25.68 17.51 -3.21
N MET B 251 -24.88 16.77 -4.00
CA MET B 251 -25.38 15.62 -4.73
C MET B 251 -25.39 14.33 -3.91
N PHE B 252 -24.51 14.23 -2.90
CA PHE B 252 -24.49 13.07 -2.01
C PHE B 252 -25.14 13.33 -0.65
N GLU B 253 -25.72 14.52 -0.43
CA GLU B 253 -26.44 14.86 0.80
C GLU B 253 -25.58 14.64 2.06
N ILE B 254 -24.40 15.25 2.07
CA ILE B 254 -23.55 15.31 3.26
C ILE B 254 -23.98 16.56 4.02
N VAL B 255 -24.96 16.39 4.92
CA VAL B 255 -25.61 17.53 5.54
C VAL B 255 -25.37 17.51 7.04
N PHE B 256 -25.56 18.68 7.65
CA PHE B 256 -25.57 18.81 9.10
C PHE B 256 -26.43 20.01 9.47
N GLU B 257 -27.11 19.93 10.63
CA GLU B 257 -28.01 20.98 11.04
C GLU B 257 -27.26 22.26 11.41
N ASP B 258 -27.87 23.39 11.09
CA ASP B 258 -27.26 24.67 11.41
C ASP B 258 -27.43 24.93 12.91
N PRO B 259 -26.35 25.24 13.62
CA PRO B 259 -26.48 25.48 15.06
C PRO B 259 -27.43 26.62 15.41
N LYS B 260 -27.54 27.62 14.53
CA LYS B 260 -28.39 28.78 14.77
C LYS B 260 -29.84 28.49 14.39
N ILE B 261 -30.16 28.62 13.11
CA ILE B 261 -31.52 28.38 12.61
C ILE B 261 -31.76 26.87 12.58
N PRO B 262 -32.70 26.36 13.38
CA PRO B 262 -32.98 24.91 13.39
C PRO B 262 -33.85 24.55 12.20
N GLY B 263 -33.36 23.63 11.37
CA GLY B 263 -34.07 23.25 10.15
C GLY B 263 -33.51 23.84 8.88
N GLU B 264 -32.40 24.59 8.95
CA GLU B 264 -31.71 25.10 7.77
C GLU B 264 -30.50 24.21 7.49
N LYS B 265 -30.57 23.44 6.42
CA LYS B 265 -29.48 22.51 6.11
C LYS B 265 -28.20 23.27 5.74
N GLN B 266 -27.07 22.68 6.07
CA GLN B 266 -25.75 23.22 5.74
C GLN B 266 -24.97 22.14 5.01
N PHE B 267 -24.48 22.47 3.81
CA PHE B 267 -23.69 21.52 3.04
C PHE B 267 -22.21 21.66 3.39
N ALA B 268 -21.53 20.53 3.52
CA ALA B 268 -20.12 20.55 3.83
C ALA B 268 -19.32 21.13 2.67
N TYR B 269 -18.20 21.77 3.02
CA TYR B 269 -17.18 22.17 2.05
C TYR B 269 -16.14 21.06 1.97
N GLN B 270 -15.85 20.61 0.75
CA GLN B 270 -14.95 19.48 0.52
C GLN B 270 -13.77 19.87 -0.36
N ASN B 271 -12.68 19.12 -0.20
CA ASN B 271 -11.46 19.23 -0.97
C ASN B 271 -11.03 17.84 -1.41
N SER B 272 -10.24 17.79 -2.48
CA SER B 272 -9.58 16.53 -2.81
C SER B 272 -8.21 16.86 -3.36
N TRP B 273 -7.25 15.96 -3.15
CA TRP B 273 -5.88 16.23 -3.58
C TRP B 273 -5.14 14.93 -3.86
N GLY B 274 -4.28 14.95 -4.86
CA GLY B 274 -3.66 13.72 -5.37
C GLY B 274 -2.26 13.92 -5.89
N LEU B 275 -1.43 12.89 -5.69
CA LEU B 275 -0.02 12.84 -6.12
C LEU B 275 0.25 11.44 -6.65
N THR B 276 0.88 11.35 -7.82
CA THR B 276 1.03 10.09 -8.53
C THR B 276 2.50 9.75 -8.70
N THR B 277 2.74 8.51 -9.15
CA THR B 277 4.09 8.05 -9.50
C THR B 277 4.70 8.79 -10.69
N ARG B 278 3.98 9.69 -11.35
CA ARG B 278 4.60 10.56 -12.34
C ARG B 278 5.80 11.31 -11.78
N THR B 279 5.79 11.58 -10.47
CA THR B 279 6.95 12.13 -9.78
C THR B 279 8.24 11.45 -10.22
N ILE B 280 8.21 10.11 -10.33
CA ILE B 280 9.43 9.39 -10.67
C ILE B 280 9.84 9.68 -12.11
N GLY B 281 8.86 9.83 -13.00
CA GLY B 281 9.18 10.16 -14.38
C GLY B 281 9.77 11.54 -14.51
N VAL B 282 9.17 12.53 -13.83
CA VAL B 282 9.70 13.90 -13.89
C VAL B 282 11.10 13.95 -13.31
N MET B 283 11.36 13.18 -12.24
CA MET B 283 12.72 13.03 -11.73
C MET B 283 13.67 12.57 -12.82
N THR B 284 13.28 11.56 -13.59
CA THR B 284 14.15 11.03 -14.62
C THR B 284 14.35 12.04 -15.75
N MET B 285 13.27 12.65 -16.23
CA MET B 285 13.37 13.55 -17.37
C MET B 285 14.17 14.80 -17.04
N VAL B 286 14.19 15.21 -15.77
CA VAL B 286 14.91 16.41 -15.34
C VAL B 286 16.37 16.12 -15.05
N HIS B 287 16.66 15.14 -14.18
CA HIS B 287 18.01 14.93 -13.70
C HIS B 287 18.79 13.88 -14.48
N GLY B 288 18.12 13.00 -15.23
CA GLY B 288 18.82 11.96 -15.96
C GLY B 288 19.72 12.53 -17.04
N ASP B 289 20.89 11.91 -17.20
CA ASP B 289 21.90 12.31 -18.18
C ASP B 289 22.15 11.17 -19.17
N ASN B 290 23.20 11.30 -19.97
CA ASN B 290 23.45 10.32 -21.02
C ASN B 290 24.27 9.14 -20.53
N MET B 291 24.43 8.97 -19.22
CA MET B 291 25.12 7.82 -18.67
C MET B 291 24.29 7.11 -17.61
N GLY B 292 22.98 7.32 -17.62
CA GLY B 292 22.06 6.59 -16.78
C GLY B 292 21.23 7.50 -15.89
N LEU B 293 20.52 6.88 -14.97
CA LEU B 293 19.70 7.61 -14.02
C LEU B 293 20.58 8.45 -13.10
N VAL B 294 19.99 9.52 -12.57
CA VAL B 294 20.61 10.34 -11.55
C VAL B 294 19.59 10.47 -10.43
N LEU B 295 19.92 9.91 -9.22
CA LEU B 295 18.99 9.93 -8.09
C LEU B 295 19.32 11.06 -7.13
N PRO B 296 18.36 11.89 -6.74
CA PRO B 296 18.59 12.83 -5.65
C PRO B 296 18.80 12.06 -4.35
N PRO B 297 19.76 12.46 -3.53
CA PRO B 297 20.06 11.66 -2.33
C PRO B 297 18.90 11.55 -1.35
N ARG B 298 17.95 12.50 -1.37
CA ARG B 298 16.85 12.44 -0.40
C ARG B 298 15.93 11.26 -0.64
N VAL B 299 15.71 10.88 -1.90
CA VAL B 299 14.90 9.70 -2.21
C VAL B 299 15.74 8.54 -2.73
N ALA B 300 17.06 8.68 -2.79
CA ALA B 300 17.89 7.61 -3.36
C ALA B 300 17.85 6.39 -2.45
N CYS B 301 17.27 5.31 -2.96
CA CYS B 301 17.26 4.02 -2.25
C CYS B 301 18.65 3.67 -1.73
N VAL B 302 19.67 3.74 -2.60
CA VAL B 302 21.06 3.54 -2.21
C VAL B 302 21.77 4.87 -2.43
N GLN B 303 22.30 5.46 -1.36
CA GLN B 303 23.01 6.73 -1.50
C GLN B 303 24.48 6.50 -1.84
N VAL B 304 25.08 5.45 -1.27
CA VAL B 304 26.48 5.12 -1.43
C VAL B 304 26.60 3.63 -1.71
N VAL B 305 27.40 3.26 -2.70
CA VAL B 305 27.69 1.87 -3.01
C VAL B 305 29.19 1.67 -2.92
N ILE B 306 29.61 0.70 -2.12
CA ILE B 306 31.02 0.41 -1.91
C ILE B 306 31.39 -0.76 -2.82
N ILE B 307 32.47 -0.59 -3.59
CA ILE B 307 32.89 -1.56 -4.59
C ILE B 307 34.36 -1.85 -4.38
N PRO B 308 34.75 -3.07 -4.05
CA PRO B 308 36.19 -3.38 -3.96
C PRO B 308 36.82 -3.36 -5.35
N CYS B 309 38.03 -2.80 -5.42
CA CYS B 309 38.75 -2.66 -6.68
C CYS B 309 40.15 -3.27 -6.55
N GLY B 310 40.75 -3.54 -7.70
CA GLY B 310 42.09 -4.08 -7.76
C GLY B 310 42.23 -5.56 -7.47
N ILE B 311 41.13 -6.28 -7.33
CA ILE B 311 41.18 -7.71 -7.01
C ILE B 311 41.56 -8.48 -8.28
N THR B 312 42.79 -8.98 -8.35
CA THR B 312 43.25 -9.78 -9.47
C THR B 312 43.28 -11.26 -9.10
N ASN B 313 43.45 -12.11 -10.11
CA ASN B 313 43.42 -13.56 -9.89
C ASN B 313 44.57 -14.02 -9.01
N ALA B 314 45.73 -13.36 -9.10
CA ALA B 314 46.89 -13.72 -8.31
C ALA B 314 47.04 -12.87 -7.05
N LEU B 315 46.01 -12.12 -6.68
CA LEU B 315 46.08 -11.29 -5.48
C LEU B 315 46.16 -12.14 -4.22
N SER B 316 46.76 -11.56 -3.18
CA SER B 316 46.89 -12.25 -1.91
C SER B 316 45.52 -12.59 -1.35
N GLU B 317 45.24 -13.89 -1.22
CA GLU B 317 43.94 -14.31 -0.67
C GLU B 317 43.80 -13.87 0.79
N GLU B 318 44.91 -13.73 1.52
CA GLU B 318 44.84 -13.14 2.85
C GLU B 318 44.52 -11.65 2.79
N ASP B 319 45.14 -10.93 1.86
CA ASP B 319 44.82 -9.51 1.68
C ASP B 319 43.49 -9.31 0.97
N LYS B 320 43.07 -10.25 0.12
CA LYS B 320 41.73 -10.17 -0.47
C LYS B 320 40.66 -10.22 0.61
N GLU B 321 40.87 -11.05 1.65
CA GLU B 321 39.99 -11.03 2.81
C GLU B 321 40.08 -9.70 3.54
N ALA B 322 41.28 -9.12 3.61
CA ALA B 322 41.45 -7.83 4.28
C ALA B 322 40.79 -6.71 3.49
N LEU B 323 40.96 -6.69 2.18
CA LEU B 323 40.29 -5.69 1.35
C LEU B 323 38.78 -5.83 1.44
N ILE B 324 38.29 -7.07 1.44
CA ILE B 324 36.86 -7.33 1.62
C ILE B 324 36.41 -6.86 2.99
N ALA B 325 37.27 -7.04 4.00
CA ALA B 325 36.93 -6.59 5.34
C ALA B 325 36.85 -5.07 5.40
N LYS B 326 37.76 -4.36 4.73
CA LYS B 326 37.75 -2.90 4.79
C LYS B 326 36.49 -2.32 4.16
N CYS B 327 35.97 -2.94 3.10
CA CYS B 327 34.69 -2.48 2.57
C CYS B 327 33.58 -2.62 3.60
N ASN B 328 33.58 -3.73 4.34
CA ASN B 328 32.56 -3.92 5.38
C ASN B 328 32.74 -2.98 6.55
N ASP B 329 33.95 -2.44 6.74
CA ASP B 329 34.17 -1.45 7.80
C ASP B 329 33.57 -0.09 7.44
N TYR B 330 33.59 0.26 6.15
CA TYR B 330 33.00 1.53 5.74
C TYR B 330 31.47 1.51 5.87
N ARG B 331 30.83 0.38 5.55
CA ARG B 331 29.37 0.33 5.61
C ARG B 331 28.86 0.36 7.05
N ARG B 332 29.59 -0.27 7.97
CA ARG B 332 29.20 -0.21 9.37
C ARG B 332 29.25 1.22 9.89
N ARG B 333 30.27 1.99 9.48
CA ARG B 333 30.37 3.38 9.92
C ARG B 333 29.30 4.24 9.28
N LEU B 334 29.09 4.09 7.97
CA LEU B 334 28.09 4.92 7.29
C LEU B 334 26.68 4.57 7.71
N LEU B 335 26.42 3.31 8.10
CA LEU B 335 25.11 2.98 8.64
C LEU B 335 24.87 3.69 9.97
N SER B 336 25.93 3.88 10.76
CA SER B 336 25.81 4.53 12.07
C SER B 336 25.42 6.00 11.93
N VAL B 337 25.87 6.64 10.85
CA VAL B 337 25.50 8.00 10.54
C VAL B 337 24.23 8.08 9.70
N ASN B 338 23.44 7.02 9.66
CA ASN B 338 22.16 6.97 8.91
C ASN B 338 22.33 7.38 7.44
N ILE B 339 23.47 7.01 6.86
CA ILE B 339 23.67 7.14 5.42
C ILE B 339 23.38 5.79 4.81
N ARG B 340 22.49 5.76 3.83
CA ARG B 340 22.06 4.52 3.23
C ARG B 340 23.14 4.04 2.26
N VAL B 341 23.72 2.88 2.57
CA VAL B 341 24.87 2.37 1.82
C VAL B 341 24.75 0.87 1.67
N ARG B 342 25.04 0.36 0.48
CA ARG B 342 25.18 -1.06 0.24
C ARG B 342 26.57 -1.35 -0.30
N ALA B 343 27.20 -2.35 0.28
CA ALA B 343 28.51 -2.81 -0.16
C ALA B 343 28.31 -3.91 -1.19
N ASP B 344 28.84 -3.70 -2.40
CA ASP B 344 28.69 -4.67 -3.49
C ASP B 344 29.92 -5.56 -3.54
N LEU B 345 29.84 -6.74 -2.89
CA LEU B 345 30.97 -7.65 -2.85
C LEU B 345 30.74 -8.93 -3.66
N ARG B 346 29.77 -8.91 -4.58
CA ARG B 346 29.50 -10.07 -5.41
C ARG B 346 30.75 -10.46 -6.20
N ASP B 347 31.17 -11.71 -6.05
CA ASP B 347 32.44 -12.19 -6.57
C ASP B 347 32.37 -12.66 -8.02
N ASN B 348 31.19 -12.65 -8.64
CA ASN B 348 31.02 -13.03 -10.05
C ASN B 348 30.64 -11.84 -10.93
N TYR B 349 30.99 -10.63 -10.49
CA TYR B 349 30.87 -9.42 -11.30
C TYR B 349 32.14 -8.61 -11.17
N SER B 350 32.69 -8.19 -12.30
CA SER B 350 33.92 -7.41 -12.31
C SER B 350 33.71 -6.05 -11.65
N PRO B 351 34.76 -5.47 -11.07
CA PRO B 351 34.62 -4.11 -10.53
C PRO B 351 34.25 -3.07 -11.57
N GLY B 352 34.64 -3.27 -12.83
CA GLY B 352 34.22 -2.37 -13.89
C GLY B 352 32.76 -2.53 -14.27
N TRP B 353 32.22 -3.74 -14.14
CA TRP B 353 30.80 -3.95 -14.38
C TRP B 353 29.95 -3.30 -13.30
N LYS B 354 30.40 -3.36 -12.05
CA LYS B 354 29.67 -2.72 -10.96
C LYS B 354 29.69 -1.20 -11.09
N PHE B 355 30.76 -0.63 -11.66
CA PHE B 355 30.81 0.81 -11.90
C PHE B 355 29.60 1.26 -12.72
N ASN B 356 29.42 0.69 -13.91
CA ASN B 356 28.35 1.14 -14.79
C ASN B 356 26.99 0.68 -14.29
N HIS B 357 26.92 -0.43 -13.58
CA HIS B 357 25.64 -0.88 -13.05
C HIS B 357 25.06 0.14 -12.09
N TRP B 358 25.82 0.52 -11.06
CA TRP B 358 25.27 1.49 -10.12
C TRP B 358 25.21 2.88 -10.71
N GLU B 359 26.04 3.18 -11.70
CA GLU B 359 25.92 4.45 -12.41
C GLU B 359 24.57 4.57 -13.09
N LEU B 360 24.20 3.57 -13.91
CA LEU B 360 22.90 3.57 -14.56
C LEU B 360 21.76 3.64 -13.56
N LYS B 361 21.97 3.12 -12.35
CA LYS B 361 20.90 3.14 -11.36
C LYS B 361 20.76 4.50 -10.69
N GLY B 362 21.82 5.31 -10.68
CA GLY B 362 21.75 6.66 -10.20
C GLY B 362 22.36 6.93 -8.85
N VAL B 363 23.09 5.97 -8.28
CA VAL B 363 23.59 6.06 -6.91
C VAL B 363 24.46 7.30 -6.80
N PRO B 364 24.14 8.22 -5.88
CA PRO B 364 24.83 9.52 -5.89
C PRO B 364 26.33 9.41 -5.72
N ILE B 365 26.80 8.52 -4.85
CA ILE B 365 28.22 8.39 -4.55
C ILE B 365 28.65 6.93 -4.70
N ARG B 366 29.74 6.73 -5.45
CA ARG B 366 30.40 5.43 -5.54
C ARG B 366 31.67 5.48 -4.70
N LEU B 367 31.85 4.49 -3.84
CA LEU B 367 33.00 4.40 -2.95
C LEU B 367 33.87 3.25 -3.42
N GLU B 368 35.11 3.56 -3.76
CA GLU B 368 36.05 2.57 -4.26
C GLU B 368 37.09 2.26 -3.19
N VAL B 369 37.44 0.99 -3.06
CA VAL B 369 38.48 0.54 -2.12
C VAL B 369 39.46 -0.33 -2.87
N GLY B 370 40.70 0.12 -2.98
CA GLY B 370 41.75 -0.65 -3.58
C GLY B 370 42.88 -0.93 -2.62
N PRO B 371 43.70 -1.94 -2.93
CA PRO B 371 44.84 -2.27 -2.05
C PRO B 371 45.80 -1.11 -1.85
N ARG B 372 46.14 -0.37 -2.92
CA ARG B 372 47.05 0.76 -2.78
C ARG B 372 46.43 1.90 -1.98
N ASP B 373 45.11 2.02 -2.02
CA ASP B 373 44.43 3.04 -1.24
C ASP B 373 44.08 2.55 0.17
N MET B 374 43.74 1.27 0.32
CA MET B 374 43.47 0.73 1.65
C MET B 374 44.71 0.77 2.53
N LYS B 375 45.86 0.36 1.99
CA LYS B 375 47.11 0.39 2.76
C LYS B 375 47.55 1.82 3.06
N SER B 376 47.19 2.79 2.21
CA SER B 376 47.49 4.19 2.44
C SER B 376 46.39 4.91 3.21
N CYS B 377 45.42 4.17 3.76
CA CYS B 377 44.36 4.73 4.59
C CYS B 377 43.56 5.79 3.83
N GLN B 378 43.17 5.44 2.61
CA GLN B 378 42.45 6.39 1.76
C GLN B 378 41.44 5.62 0.93
N PHE B 379 40.47 6.35 0.37
CA PHE B 379 39.50 5.78 -0.55
C PHE B 379 39.07 6.86 -1.54
N VAL B 380 38.35 6.43 -2.57
CA VAL B 380 37.92 7.31 -3.66
C VAL B 380 36.41 7.45 -3.63
N ALA B 381 35.93 8.68 -3.83
CA ALA B 381 34.51 9.00 -3.90
C ALA B 381 34.19 9.56 -5.27
N VAL B 382 33.20 8.98 -5.95
CA VAL B 382 32.83 9.39 -7.30
C VAL B 382 31.39 9.93 -7.27
N ARG B 383 31.25 11.24 -7.39
CA ARG B 383 29.92 11.85 -7.50
C ARG B 383 29.27 11.45 -8.82
N ARG B 384 27.97 11.11 -8.74
CA ARG B 384 27.23 10.68 -9.92
C ARG B 384 26.82 11.86 -10.81
N ASP B 385 26.51 13.01 -10.21
CA ASP B 385 25.99 14.12 -10.99
C ASP B 385 27.07 14.75 -11.86
N THR B 386 28.21 15.08 -11.27
CA THR B 386 29.28 15.77 -11.98
C THR B 386 30.41 14.85 -12.43
N GLY B 387 30.49 13.64 -11.88
CA GLY B 387 31.58 12.75 -12.22
C GLY B 387 32.87 13.01 -11.49
N GLU B 388 32.90 13.95 -10.55
CA GLU B 388 34.11 14.22 -9.79
C GLU B 388 34.60 12.99 -9.05
N LYS B 389 35.91 12.78 -9.08
CA LYS B 389 36.59 11.74 -8.31
C LYS B 389 37.50 12.43 -7.29
N LEU B 390 37.26 12.15 -6.01
CA LEU B 390 38.02 12.78 -4.93
C LEU B 390 38.54 11.69 -4.01
N THR B 391 39.82 11.80 -3.63
CA THR B 391 40.41 10.89 -2.66
C THR B 391 40.22 11.48 -1.26
N VAL B 392 39.58 10.72 -0.39
CA VAL B 392 39.29 11.16 0.97
C VAL B 392 40.01 10.21 1.92
N ALA B 393 40.61 10.79 2.96
CA ALA B 393 41.25 9.98 3.99
C ALA B 393 40.19 9.18 4.75
N GLU B 394 40.67 8.13 5.43
CA GLU B 394 39.75 7.19 6.07
C GLU B 394 39.01 7.80 7.27
N ASN B 395 39.52 8.89 7.85
CA ASN B 395 38.87 9.45 9.03
C ASN B 395 37.70 10.37 8.68
N GLU B 396 37.80 11.11 7.57
CA GLU B 396 36.75 12.04 7.18
C GLU B 396 35.68 11.41 6.30
N ALA B 397 35.43 10.10 6.46
CA ALA B 397 34.44 9.44 5.61
C ALA B 397 33.03 9.78 6.03
N GLU B 398 32.76 9.83 7.33
CA GLU B 398 31.42 10.15 7.81
C GLU B 398 31.07 11.61 7.66
N THR B 399 32.04 12.46 7.33
CA THR B 399 31.81 13.90 7.23
C THR B 399 31.73 14.34 5.77
N LYS B 400 32.80 14.13 4.99
CA LYS B 400 32.84 14.64 3.63
C LYS B 400 31.86 13.91 2.71
N LEU B 401 31.63 12.61 2.93
CA LEU B 401 30.61 11.92 2.16
C LEU B 401 29.23 12.49 2.45
N GLN B 402 28.95 12.75 3.73
CA GLN B 402 27.70 13.42 4.07
C GLN B 402 27.62 14.80 3.41
N ALA B 403 28.74 15.53 3.38
CA ALA B 403 28.77 16.85 2.77
C ALA B 403 28.57 16.78 1.25
N ILE B 404 29.09 15.73 0.62
CA ILE B 404 28.89 15.58 -0.82
C ILE B 404 27.43 15.26 -1.12
N LEU B 405 26.75 14.54 -0.22
CA LEU B 405 25.38 14.13 -0.49
C LEU B 405 24.44 15.31 -0.61
N GLU B 406 24.50 16.26 0.33
CA GLU B 406 23.63 17.43 0.23
C GLU B 406 24.12 18.41 -0.82
N ASP B 407 25.41 18.39 -1.14
CA ASP B 407 25.89 19.19 -2.27
C ASP B 407 25.30 18.68 -3.58
N ILE B 408 25.20 17.35 -3.73
CA ILE B 408 24.52 16.80 -4.89
C ILE B 408 23.05 17.25 -4.90
N GLN B 409 22.43 17.24 -3.73
CA GLN B 409 21.03 17.67 -3.61
C GLN B 409 20.84 19.12 -4.03
N VAL B 410 21.76 20.00 -3.62
CA VAL B 410 21.60 21.42 -3.97
C VAL B 410 22.11 21.70 -5.37
N THR B 411 23.13 20.97 -5.85
CA THR B 411 23.58 21.16 -7.22
C THR B 411 22.52 20.72 -8.21
N LEU B 412 21.79 19.64 -7.88
CA LEU B 412 20.72 19.20 -8.75
C LEU B 412 19.57 20.20 -8.78
N PHE B 413 19.36 20.94 -7.68
CA PHE B 413 18.21 21.85 -7.59
C PHE B 413 18.53 23.19 -8.22
N THR B 414 19.69 23.78 -7.90
CA THR B 414 20.04 25.07 -8.46
C THR B 414 20.22 24.98 -9.96
N ARG B 415 20.80 23.87 -10.44
CA ARG B 415 20.96 23.73 -11.89
C ARG B 415 19.63 23.54 -12.58
N ALA B 416 18.66 22.92 -11.90
CA ALA B 416 17.32 22.75 -12.47
C ALA B 416 16.47 24.00 -12.34
N SER B 417 16.71 24.81 -11.31
CA SER B 417 16.01 26.09 -11.22
C SER B 417 16.57 27.09 -12.23
N GLU B 418 17.89 27.07 -12.43
CA GLU B 418 18.47 27.91 -13.49
C GLU B 418 17.91 27.53 -14.86
N ASP B 419 17.64 26.24 -15.09
CA ASP B 419 16.94 25.84 -16.30
C ASP B 419 15.51 26.40 -16.32
N LEU B 420 14.84 26.41 -15.16
CA LEU B 420 13.49 26.93 -15.09
C LEU B 420 13.46 28.44 -15.27
N LYS B 421 14.40 29.16 -14.66
CA LYS B 421 14.42 30.61 -14.82
C LYS B 421 14.72 31.02 -16.25
N THR B 422 15.55 30.25 -16.96
CA THR B 422 15.91 30.59 -18.34
C THR B 422 14.73 30.38 -19.29
N HIS B 423 13.85 29.42 -19.00
CA HIS B 423 12.80 29.03 -19.92
C HIS B 423 11.41 29.50 -19.47
N MET B 424 11.34 30.36 -18.46
CA MET B 424 10.06 30.90 -17.98
C MET B 424 10.14 32.41 -18.16
N VAL B 425 9.61 32.90 -19.29
CA VAL B 425 9.71 34.30 -19.65
C VAL B 425 8.31 34.89 -19.85
N VAL B 426 8.25 36.19 -20.12
CA VAL B 426 6.99 36.91 -20.23
C VAL B 426 6.83 37.37 -21.69
N ALA B 427 5.58 37.43 -22.15
CA ALA B 427 5.25 37.91 -23.49
C ALA B 427 3.86 38.53 -23.45
N ASN B 428 3.67 39.63 -24.19
CA ASN B 428 2.45 40.42 -24.10
C ASN B 428 1.56 40.33 -25.34
N THR B 429 2.09 39.90 -26.48
CA THR B 429 1.31 39.67 -27.68
C THR B 429 1.75 38.35 -28.30
N MET B 430 0.85 37.76 -29.08
CA MET B 430 1.11 36.42 -29.59
C MET B 430 2.21 36.37 -30.63
N GLU B 431 2.80 37.51 -30.99
CA GLU B 431 3.96 37.50 -31.87
C GLU B 431 5.19 36.95 -31.15
N ASP B 432 5.64 37.66 -30.11
CA ASP B 432 6.74 37.17 -29.29
C ASP B 432 6.35 35.96 -28.46
N PHE B 433 5.06 35.69 -28.28
CA PHE B 433 4.64 34.49 -27.57
C PHE B 433 4.87 33.26 -28.43
N GLN B 434 4.47 33.31 -29.71
CA GLN B 434 4.69 32.18 -30.60
C GLN B 434 6.16 31.91 -30.83
N LYS B 435 6.99 32.97 -30.83
CA LYS B 435 8.42 32.81 -31.08
C LYS B 435 9.11 32.08 -29.93
N ILE B 436 8.96 32.58 -28.71
CA ILE B 436 9.63 31.95 -27.57
C ILE B 436 9.01 30.61 -27.21
N LEU B 437 7.74 30.39 -27.57
CA LEU B 437 7.13 29.08 -27.33
C LEU B 437 7.74 28.02 -28.23
N ASP B 438 8.02 28.36 -29.48
CA ASP B 438 8.62 27.41 -30.40
C ASP B 438 10.11 27.20 -30.17
N SER B 439 10.72 27.96 -29.27
CA SER B 439 12.11 27.75 -28.87
C SER B 439 12.24 26.80 -27.68
N GLY B 440 11.17 26.09 -27.32
CA GLY B 440 11.23 25.15 -26.22
C GLY B 440 11.13 25.76 -24.84
N LYS B 441 10.38 26.85 -24.70
CA LYS B 441 10.20 27.53 -23.42
C LYS B 441 8.72 27.76 -23.17
N ILE B 442 8.37 27.99 -21.91
CA ILE B 442 7.00 28.32 -21.51
C ILE B 442 6.92 29.80 -21.16
N VAL B 443 5.79 30.43 -21.50
CA VAL B 443 5.65 31.87 -21.38
C VAL B 443 4.36 32.19 -20.64
N GLN B 444 4.38 33.35 -19.98
CA GLN B 444 3.22 33.88 -19.27
C GLN B 444 2.66 35.04 -20.06
N ILE B 445 1.41 34.91 -20.52
CA ILE B 445 0.82 35.86 -21.45
C ILE B 445 -0.41 36.47 -20.78
N PRO B 446 -0.81 37.67 -21.19
CA PRO B 446 -2.05 38.26 -20.66
C PRO B 446 -3.26 37.49 -21.18
N PHE B 447 -4.06 36.96 -20.26
CA PHE B 447 -5.13 36.05 -20.61
C PHE B 447 -6.46 36.60 -20.09
N CYS B 448 -7.51 36.43 -20.90
CA CYS B 448 -8.84 36.89 -20.52
C CYS B 448 -9.62 35.86 -19.72
N GLY B 449 -9.11 34.63 -19.58
CA GLY B 449 -9.73 33.58 -18.80
C GLY B 449 -10.88 32.85 -19.48
N GLU B 450 -11.27 33.27 -20.68
CA GLU B 450 -12.38 32.64 -21.36
C GLU B 450 -11.97 31.28 -21.89
N ILE B 451 -12.87 30.31 -21.76
CA ILE B 451 -12.60 28.97 -22.27
C ILE B 451 -12.45 28.96 -23.80
N ASP B 452 -13.00 29.98 -24.49
CA ASP B 452 -12.94 30.05 -25.94
C ASP B 452 -11.57 30.53 -26.43
N CYS B 453 -11.07 31.62 -25.86
CA CYS B 453 -9.75 32.11 -26.22
C CYS B 453 -8.66 31.11 -25.86
N GLU B 454 -8.91 30.26 -24.84
CA GLU B 454 -7.96 29.23 -24.47
C GLU B 454 -7.78 28.21 -25.59
N ASP B 455 -8.88 27.74 -26.18
CA ASP B 455 -8.80 26.81 -27.31
C ASP B 455 -8.21 27.48 -28.55
N TRP B 456 -8.49 28.78 -28.74
CA TRP B 456 -8.01 29.48 -29.94
C TRP B 456 -6.49 29.60 -29.92
N ILE B 457 -5.91 29.82 -28.73
CA ILE B 457 -4.45 29.84 -28.62
C ILE B 457 -3.87 28.48 -29.01
N LYS B 458 -4.39 27.40 -28.41
CA LYS B 458 -3.85 26.08 -28.70
C LYS B 458 -4.01 25.71 -30.18
N LYS B 459 -5.07 26.20 -30.83
CA LYS B 459 -5.21 25.96 -32.26
C LYS B 459 -4.25 26.82 -33.08
N THR B 460 -3.97 28.04 -32.63
CA THR B 460 -3.07 28.94 -33.35
C THR B 460 -1.60 28.58 -33.13
N THR B 461 -1.21 28.27 -31.89
CA THR B 461 0.19 28.03 -31.59
C THR B 461 0.71 26.72 -32.19
N ALA B 462 -0.18 25.84 -32.64
CA ALA B 462 0.26 24.66 -33.38
C ALA B 462 0.74 25.02 -34.77
N ARG B 463 0.30 26.15 -35.31
CA ARG B 463 0.74 26.63 -36.62
C ARG B 463 1.53 27.93 -36.47
N MET B 474 0.87 20.32 -32.64
CA MET B 474 1.19 20.26 -31.22
C MET B 474 0.24 21.14 -30.42
N GLY B 475 0.60 22.40 -30.24
CA GLY B 475 -0.22 23.37 -29.55
C GLY B 475 0.22 23.60 -28.11
N ALA B 476 -0.35 24.63 -27.50
CA ALA B 476 -0.01 25.03 -26.13
C ALA B 476 -1.26 25.18 -25.29
N LYS B 477 -1.32 24.49 -24.15
CA LYS B 477 -2.44 24.54 -23.23
C LYS B 477 -2.18 25.56 -22.13
N SER B 478 -3.19 25.78 -21.29
CA SER B 478 -2.96 26.56 -20.08
C SER B 478 -2.36 25.65 -19.02
N LEU B 479 -1.30 26.11 -18.36
CA LEU B 479 -0.66 25.34 -17.30
C LEU B 479 -1.21 25.73 -15.92
N CYS B 480 -1.07 27.00 -15.53
CA CYS B 480 -1.63 27.49 -14.29
C CYS B 480 -1.59 29.02 -14.30
N ILE B 481 -2.51 29.62 -13.57
CA ILE B 481 -2.45 31.06 -13.27
C ILE B 481 -1.52 31.20 -12.08
N PRO B 482 -0.29 31.68 -12.26
CA PRO B 482 0.70 31.63 -11.16
C PRO B 482 0.27 32.49 -9.99
N PHE B 483 0.45 31.96 -8.78
CA PHE B 483 0.21 32.74 -7.57
C PHE B 483 1.13 33.94 -7.51
N LYS B 484 2.33 33.82 -8.08
CA LYS B 484 3.30 34.90 -8.16
C LYS B 484 3.92 34.97 -9.55
N PRO B 485 3.30 35.72 -10.47
CA PRO B 485 3.89 35.88 -11.80
C PRO B 485 5.11 36.78 -11.78
N LEU B 486 5.80 36.83 -12.92
CA LEU B 486 7.03 37.62 -13.01
C LEU B 486 6.73 39.11 -13.10
N CYS B 487 5.86 39.50 -14.03
CA CYS B 487 5.56 40.91 -14.25
C CYS B 487 4.18 41.25 -13.72
N GLU B 488 4.06 42.43 -13.11
CA GLU B 488 2.79 42.92 -12.61
C GLU B 488 1.96 43.44 -13.78
N LEU B 489 0.76 42.88 -13.95
CA LEU B 489 -0.11 43.26 -15.06
C LEU B 489 -0.54 44.72 -14.93
N GLN B 490 -0.04 45.58 -15.81
CA GLN B 490 -0.39 46.99 -15.72
C GLN B 490 -1.82 47.21 -16.19
N PRO B 491 -2.55 48.14 -15.56
CA PRO B 491 -3.93 48.40 -16.00
C PRO B 491 -3.95 48.89 -17.45
N GLY B 492 -4.89 48.35 -18.22
CA GLY B 492 -5.00 48.66 -19.63
C GLY B 492 -4.48 47.59 -20.55
N ALA B 493 -3.59 46.72 -20.07
CA ALA B 493 -3.08 45.64 -20.91
C ALA B 493 -4.22 44.70 -21.27
N LYS B 494 -4.43 44.49 -22.57
CA LYS B 494 -5.47 43.59 -23.04
C LYS B 494 -4.91 42.18 -23.18
N CYS B 495 -5.77 41.21 -23.55
CA CYS B 495 -5.33 39.84 -23.74
C CYS B 495 -4.56 39.72 -25.06
N VAL B 496 -4.25 38.49 -25.46
CA VAL B 496 -3.69 38.25 -26.78
C VAL B 496 -4.79 38.06 -27.82
N CYS B 497 -6.06 38.20 -27.41
CA CYS B 497 -7.17 38.09 -28.34
C CYS B 497 -7.68 39.44 -28.85
N GLY B 498 -7.27 40.55 -28.23
CA GLY B 498 -7.65 41.87 -28.68
C GLY B 498 -9.10 42.28 -28.42
N LYS B 499 -9.97 41.32 -28.09
CA LYS B 499 -11.39 41.61 -27.90
C LYS B 499 -11.78 41.72 -26.43
N ASN B 500 -10.93 41.24 -25.53
CA ASN B 500 -11.23 41.23 -24.11
C ASN B 500 -10.00 41.67 -23.33
N PRO B 501 -10.20 42.38 -22.22
CA PRO B 501 -9.07 42.77 -21.37
C PRO B 501 -8.42 41.55 -20.72
N ALA B 502 -7.24 41.81 -20.15
CA ALA B 502 -6.44 40.77 -19.52
C ALA B 502 -6.82 40.67 -18.04
N LYS B 503 -7.26 39.48 -17.62
CA LYS B 503 -7.66 39.31 -16.23
C LYS B 503 -6.48 38.96 -15.33
N TYR B 504 -5.47 38.28 -15.86
CA TYR B 504 -4.31 37.84 -15.11
C TYR B 504 -3.29 37.27 -16.08
N TYR B 505 -2.01 37.39 -15.73
CA TYR B 505 -0.98 36.66 -16.45
C TYR B 505 -1.12 35.16 -16.19
N THR B 506 -1.12 34.37 -17.26
CA THR B 506 -1.32 32.93 -17.20
C THR B 506 -0.16 32.21 -17.87
N LEU B 507 0.39 31.19 -17.21
CA LEU B 507 1.52 30.45 -17.75
C LEU B 507 1.01 29.46 -18.81
N PHE B 508 1.55 29.57 -20.03
CA PHE B 508 1.16 28.75 -21.15
C PHE B 508 2.36 27.95 -21.65
N GLY B 509 2.09 26.90 -22.40
CA GLY B 509 3.13 26.10 -23.01
C GLY B 509 2.61 24.73 -23.41
N ARG B 510 3.39 24.06 -24.25
CA ARG B 510 3.08 22.69 -24.60
C ARG B 510 3.19 21.81 -23.35
N SER B 511 2.22 20.93 -23.15
CA SER B 511 2.13 20.15 -21.91
C SER B 511 1.92 18.67 -22.21
N TYR B 512 2.25 17.84 -21.22
CA TYR B 512 2.06 16.38 -21.32
C TYR B 512 0.59 15.99 -21.10
N PRO C . -0.65 -16.68 -5.27
CA PRO C . -0.78 -17.62 -4.16
C PRO C . -2.21 -17.69 -3.69
O PRO C . -3.11 -17.01 -4.23
CB PRO C . 0.10 -17.00 -3.09
CG PRO C . 0.01 -15.55 -3.35
CD PRO C . -0.01 -15.42 -4.85
OXT PRO C . -2.48 -18.46 -2.76
N1 1FI D . -11.40 -12.61 0.84
C2 1FI D . -10.80 -13.80 0.66
C3 1FI D . -9.68 -14.18 1.40
C11 1FI D . -7.97 -15.85 1.99
C12 1FI D . -6.68 -16.00 1.20
C13 1FI D . -5.49 -16.35 1.83
C14 1FI D . -4.31 -16.42 1.12
C15 1FI D . -4.29 -16.13 -0.24
C16 1FI D . -5.47 -15.80 -0.89
C17 1FI D . -6.65 -15.74 -0.18
C18 1FI D . -5.49 -16.68 3.31
C5 1FI D . -9.73 -12.17 2.49
C6 1FI D . -10.85 -11.81 1.76
C7 1FI D . -11.42 -14.64 -0.43
F19 1FI D . -5.82 -15.64 4.07
F20 1FI D . -6.30 -17.68 3.62
F21 1FI D . -4.28 -17.05 3.74
N10 1FI D . -9.12 -15.38 1.23
N4 1FI D . -9.14 -13.37 2.32
N9 1FI D . -12.25 -14.01 -1.26
O8 1FI D . -11.14 -15.84 -0.54
ZN ZN E . -10.24 -42.62 2.84
SR SR F . 20.90 -27.04 -25.92
SR SR G . -13.11 -22.90 -8.45
N PRO H . -9.47 13.34 -7.11
CA PRO H . -8.69 14.50 -7.53
C PRO H . -8.10 14.31 -8.89
O PRO H . -7.37 15.19 -9.36
CB PRO H . -7.58 14.58 -6.50
CG PRO H . -7.38 13.15 -6.09
CD PRO H . -8.80 12.64 -5.99
OXT PRO H . -8.30 13.27 -9.53
N1 1FI I . -0.66 8.56 -15.47
C2 1FI I . -1.36 9.69 -15.30
C3 1FI I . -1.04 10.58 -14.26
C11 1FI I . -1.32 12.83 -13.30
C12 1FI I . -2.25 13.10 -12.13
C13 1FI I . -1.93 14.08 -11.17
C14 1FI I . -2.76 14.26 -10.08
C15 1FI I . -3.93 13.52 -9.94
C16 1FI I . -4.25 12.59 -10.89
C17 1FI I . -3.42 12.37 -11.98
C18 1FI I . -0.73 14.97 -11.34
C5 1FI I . 0.65 9.22 -13.59
C6 1FI I . 0.34 8.33 -14.62
C7 1FI I . -2.48 9.92 -16.27
F19 1FI I . -0.78 15.68 -12.47
F20 1FI I . -0.63 15.86 -10.36
F21 1FI I . 0.42 14.31 -11.34
N10 1FI I . -1.74 11.73 -14.14
N4 1FI I . -0.04 10.35 -13.40
N9 1FI I . -2.87 8.86 -16.97
O8 1FI I . -2.98 11.04 -16.40
ZN ZN J . -8.15 36.09 -24.88
#